data_6IX7
#
_entry.id   6IX7
#
_cell.length_a   161.281
_cell.length_b   62.133
_cell.length_c   113.591
_cell.angle_alpha   90.00
_cell.angle_beta   113.66
_cell.angle_gamma   90.00
#
_symmetry.space_group_name_H-M   'C 1 2 1'
#
loop_
_entity.id
_entity.type
_entity.pdbx_description
1 polymer 'O-methyltransferase lepI'
2 non-polymer S-ADENOSYL-L-HOMOCYSTEINE
3 non-polymer 4-hydroxy-3-[(2S,6E,8E)-2-methyldeca-6,8-dienoyl]-5-phenylpyridin-2(1H)-one
4 non-polymer 'CHLORIDE ION'
5 non-polymer GLYCEROL
6 non-polymer 1,2-ETHANEDIOL
7 water water
#
_entity_poly.entity_id   1
_entity_poly.type   'polypeptide(L)'
_entity_poly.pdbx_seq_one_letter_code
;MGSSHHHHHHENLYFQSNAETVAAIKTLIQQLAQSTDQFGRAEINDALRELQYSLETPFDTVMRMSLDTAQVAVARIGSD
LGLFKHLSQCASPQSAEELADHLGCGRELMSRLLRYMASVRMVQQTDDIKYISSNITQTLAVPGLEAGMRHAFENLWPVL
MALPDFLAERKYPDIVDAKDTAFQKAFNTDQDCFHWLATQPTRIANFKVLLTDERTPNFLSTFPLEKELGSWSAEPEKAL
FVDIGGGMGHACIRLREKYPNQPGRVILQDLPPVLQAAQATLPLSGIESMPHNFHTPQPVQGAKFYFLRLILRDFPDHQA
LEILQNIVPAMDAESRIVIDDGVPPEKGARWAETGTDICIMSALGSKERTQRQWEELAAKAGLQLQALYQYTWPVVNAAM
VFSLQ
;
_entity_poly.pdbx_strand_id   A,B
#
# COMPACT_ATOMS: atom_id res chain seq x y z
N SER A 17 -22.92 19.92 11.64
CA SER A 17 -21.61 20.20 11.08
C SER A 17 -20.81 18.93 10.87
N ASN A 18 -20.48 18.64 9.61
CA ASN A 18 -19.74 17.41 9.35
C ASN A 18 -18.33 17.48 9.94
N ALA A 19 -17.72 18.67 9.98
CA ALA A 19 -16.42 18.80 10.63
C ALA A 19 -16.53 18.51 12.13
N GLU A 20 -17.62 18.94 12.77
CA GLU A 20 -17.81 18.68 14.19
C GLU A 20 -18.00 17.18 14.45
N THR A 21 -18.71 16.49 13.56
CA THR A 21 -18.90 15.05 13.72
C THR A 21 -17.59 14.29 13.58
N VAL A 22 -16.78 14.64 12.58
CA VAL A 22 -15.49 13.98 12.40
C VAL A 22 -14.59 14.22 13.60
N ALA A 23 -14.60 15.45 14.15
CA ALA A 23 -13.77 15.74 15.31
C ALA A 23 -14.22 14.91 16.51
N ALA A 24 -15.52 14.71 16.67
CA ALA A 24 -16.03 13.93 17.79
C ALA A 24 -15.72 12.44 17.61
N ILE A 25 -15.81 11.93 16.38
CA ILE A 25 -15.38 10.56 16.15
C ILE A 25 -13.94 10.36 16.60
N LYS A 26 -13.06 11.29 16.20
CA LYS A 26 -11.66 11.17 16.57
C LYS A 26 -11.50 11.21 18.08
N THR A 27 -12.20 12.12 18.75
CA THR A 27 -12.07 12.21 20.20
C THR A 27 -12.49 10.91 20.86
N LEU A 28 -13.63 10.36 20.45
CA LEU A 28 -14.12 9.17 21.13
C LEU A 28 -13.24 7.96 20.86
N ILE A 29 -12.76 7.79 19.62
CA ILE A 29 -11.91 6.64 19.34
C ILE A 29 -10.58 6.76 20.08
N GLN A 30 -10.01 7.97 20.12
N GLN A 30 -9.99 7.97 20.12
CA GLN A 30 -8.77 8.18 20.88
CA GLN A 30 -8.77 8.15 20.88
C GLN A 30 -8.96 7.85 22.36
C GLN A 30 -8.98 7.81 22.35
N GLN A 31 -10.11 8.23 22.92
CA GLN A 31 -10.39 7.94 24.32
C GLN A 31 -10.60 6.44 24.54
N LEU A 32 -11.31 5.77 23.63
CA LEU A 32 -11.47 4.33 23.77
C LEU A 32 -10.13 3.62 23.66
N ALA A 33 -9.27 4.09 22.75
CA ALA A 33 -7.97 3.46 22.57
C ALA A 33 -7.10 3.62 23.82
N GLN A 34 -7.15 4.78 24.46
CA GLN A 34 -6.44 4.94 25.73
C GLN A 34 -7.06 4.11 26.85
N SER A 35 -8.35 3.77 26.76
CA SER A 35 -9.02 3.02 27.81
C SER A 35 -8.67 1.53 27.81
N THR A 36 -7.87 1.07 26.84
CA THR A 36 -7.59 -0.36 26.75
C THR A 36 -6.08 -0.57 26.67
N ASP A 37 -5.65 -1.81 26.38
CA ASP A 37 -4.23 -2.12 26.31
C ASP A 37 -3.80 -2.26 24.86
N GLN A 38 -2.54 -2.65 24.63
CA GLN A 38 -2.05 -2.67 23.24
C GLN A 38 -2.84 -3.66 22.38
N PHE A 39 -3.34 -4.73 22.99
CA PHE A 39 -4.09 -5.70 22.19
C PHE A 39 -5.46 -5.15 21.81
N GLY A 40 -6.12 -4.47 22.76
CA GLY A 40 -7.35 -3.78 22.44
C GLY A 40 -7.17 -2.71 21.38
N ARG A 41 -6.05 -1.98 21.42
CA ARG A 41 -5.80 -0.96 20.40
C ARG A 41 -5.58 -1.60 19.04
N ALA A 42 -4.93 -2.75 19.00
CA ALA A 42 -4.74 -3.45 17.73
C ALA A 42 -6.08 -3.90 17.16
N GLU A 43 -7.00 -4.35 18.03
CA GLU A 43 -8.32 -4.71 17.54
C GLU A 43 -9.07 -3.48 17.02
N ILE A 44 -8.95 -2.34 17.70
CA ILE A 44 -9.59 -1.12 17.21
C ILE A 44 -9.03 -0.74 15.84
N ASN A 45 -7.71 -0.77 15.71
CA ASN A 45 -7.07 -0.45 14.44
C ASN A 45 -7.58 -1.33 13.30
N ASP A 46 -7.70 -2.64 13.54
CA ASP A 46 -8.22 -3.51 12.49
C ASP A 46 -9.66 -3.18 12.16
N ALA A 47 -10.45 -2.77 13.15
CA ALA A 47 -11.83 -2.36 12.88
C ALA A 47 -11.89 -1.10 12.04
N LEU A 48 -11.01 -0.14 12.32
CA LEU A 48 -10.96 1.08 11.51
C LEU A 48 -10.62 0.76 10.07
N ARG A 49 -9.68 -0.15 9.86
CA ARG A 49 -9.34 -0.57 8.50
C ARG A 49 -10.55 -1.21 7.81
N GLU A 50 -11.23 -2.14 8.50
CA GLU A 50 -12.40 -2.77 7.89
C GLU A 50 -13.49 -1.75 7.57
N LEU A 51 -13.70 -0.77 8.44
CA LEU A 51 -14.71 0.26 8.18
C LEU A 51 -14.35 1.07 6.95
N GLN A 52 -13.09 1.49 6.85
N GLN A 52 -13.07 1.44 6.84
CA GLN A 52 -12.64 2.21 5.66
CA GLN A 52 -12.60 2.21 5.69
C GLN A 52 -12.97 1.43 4.40
C GLN A 52 -12.84 1.47 4.38
N TYR A 53 -12.55 0.17 4.35
CA TYR A 53 -12.73 -0.60 3.13
C TYR A 53 -14.21 -0.76 2.80
N SER A 54 -15.06 -0.85 3.81
CA SER A 54 -16.49 -1.01 3.56
C SER A 54 -17.17 0.29 3.17
N LEU A 55 -16.63 1.43 3.57
CA LEU A 55 -17.27 2.72 3.31
C LEU A 55 -16.73 3.43 2.07
N GLU A 56 -15.59 3.02 1.54
N GLU A 56 -15.60 3.00 1.53
CA GLU A 56 -15.05 3.69 0.35
CA GLU A 56 -15.03 3.61 0.34
C GLU A 56 -15.94 3.40 -0.84
C GLU A 56 -15.92 3.36 -0.88
N THR A 57 -15.97 4.35 -1.78
CA THR A 57 -16.64 4.15 -3.06
C THR A 57 -15.81 3.22 -3.94
N PRO A 58 -16.40 2.64 -4.99
CA PRO A 58 -15.58 1.84 -5.93
C PRO A 58 -14.38 2.60 -6.46
N PHE A 59 -14.59 3.85 -6.88
CA PHE A 59 -13.47 4.64 -7.37
C PHE A 59 -12.41 4.82 -6.28
N ASP A 60 -12.84 5.06 -5.04
CA ASP A 60 -11.88 5.25 -3.96
C ASP A 60 -11.11 3.98 -3.65
N THR A 61 -11.73 2.81 -3.83
CA THR A 61 -11.00 1.55 -3.69
C THR A 61 -9.82 1.51 -4.63
N VAL A 62 -10.06 1.81 -5.91
CA VAL A 62 -8.96 1.74 -6.87
C VAL A 62 -7.96 2.86 -6.61
N MET A 63 -8.42 4.04 -6.18
CA MET A 63 -7.48 5.11 -5.86
C MET A 63 -6.58 4.72 -4.69
N ARG A 64 -7.17 4.10 -3.67
CA ARG A 64 -6.40 3.63 -2.53
C ARG A 64 -5.36 2.60 -2.94
N MET A 65 -5.76 1.63 -3.76
CA MET A 65 -4.81 0.62 -4.23
C MET A 65 -3.74 1.24 -5.11
N SER A 66 -4.10 2.26 -5.90
CA SER A 66 -3.11 2.89 -6.77
C SER A 66 -2.09 3.70 -5.98
N LEU A 67 -2.51 4.34 -4.89
CA LEU A 67 -1.65 5.35 -4.25
C LEU A 67 -0.96 4.88 -2.97
N ASP A 68 -1.53 3.92 -2.23
CA ASP A 68 -0.92 3.59 -0.93
C ASP A 68 0.50 3.05 -1.11
N THR A 69 0.77 2.42 -2.23
CA THR A 69 2.10 2.03 -2.71
C THR A 69 3.17 3.11 -2.59
N ALA A 70 2.80 4.37 -2.86
CA ALA A 70 3.78 5.44 -2.88
C ALA A 70 4.38 5.69 -1.50
N GLN A 71 3.70 5.27 -0.42
CA GLN A 71 4.24 5.52 0.91
C GLN A 71 5.60 4.89 1.08
N VAL A 72 5.79 3.68 0.55
CA VAL A 72 7.06 3.00 0.77
C VAL A 72 8.18 3.69 0.00
N ALA A 73 7.90 4.11 -1.24
CA ALA A 73 8.92 4.80 -2.02
C ALA A 73 9.30 6.12 -1.36
N VAL A 74 8.31 6.84 -0.82
CA VAL A 74 8.60 8.15 -0.22
C VAL A 74 9.30 8.00 1.13
N ALA A 75 8.93 6.97 1.90
CA ALA A 75 9.70 6.69 3.12
C ALA A 75 11.14 6.36 2.78
N ARG A 76 11.35 5.61 1.69
CA ARG A 76 12.70 5.27 1.26
CA ARG A 76 12.71 5.27 1.29
C ARG A 76 13.50 6.53 0.91
N ILE A 77 12.84 7.49 0.25
CA ILE A 77 13.50 8.76 -0.08
C ILE A 77 13.84 9.54 1.20
N GLY A 78 12.89 9.62 2.13
CA GLY A 78 13.15 10.35 3.36
C GLY A 78 14.27 9.72 4.16
N SER A 79 14.35 8.40 4.15
CA SER A 79 15.45 7.68 4.79
C SER A 79 16.78 7.99 4.11
N ASP A 80 16.79 7.99 2.77
CA ASP A 80 18.01 8.34 2.04
C ASP A 80 18.50 9.73 2.39
N LEU A 81 17.58 10.69 2.53
CA LEU A 81 17.93 12.06 2.84
C LEU A 81 18.28 12.29 4.30
N GLY A 82 17.97 11.33 5.19
CA GLY A 82 18.13 11.56 6.61
C GLY A 82 17.05 12.43 7.21
N LEU A 83 15.90 12.55 6.54
CA LEU A 83 14.89 13.52 6.93
C LEU A 83 14.25 13.16 8.27
N PHE A 84 13.93 11.87 8.46
CA PHE A 84 13.19 11.50 9.67
C PHE A 84 14.05 11.68 10.91
N LYS A 85 15.32 11.30 10.83
CA LYS A 85 16.22 11.50 11.95
C LYS A 85 16.42 12.97 12.26
N HIS A 86 16.55 13.81 11.23
CA HIS A 86 16.76 15.23 11.45
C HIS A 86 15.53 15.86 12.09
N LEU A 87 14.36 15.58 11.55
CA LEU A 87 13.14 16.20 12.04
C LEU A 87 12.83 15.76 13.46
N SER A 88 13.16 14.51 13.81
CA SER A 88 12.90 14.02 15.15
C SER A 88 13.79 14.70 16.20
N GLN A 89 14.88 15.31 15.77
CA GLN A 89 15.77 16.06 16.66
C GLN A 89 15.46 17.56 16.70
N CYS A 90 14.58 18.05 15.84
CA CYS A 90 14.30 19.48 15.78
C CYS A 90 13.40 19.93 16.93
N ALA A 91 13.73 21.09 17.49
CA ALA A 91 13.00 21.62 18.63
C ALA A 91 11.83 22.49 18.25
N SER A 92 11.76 22.92 16.99
CA SER A 92 10.72 23.85 16.54
C SER A 92 10.28 23.42 15.16
N PRO A 93 9.11 23.86 14.71
CA PRO A 93 8.68 23.53 13.34
C PRO A 93 9.65 24.09 12.32
N GLN A 94 9.83 23.35 11.23
CA GLN A 94 10.78 23.70 10.17
C GLN A 94 10.04 23.96 8.85
N SER A 95 10.48 24.97 8.11
CA SER A 95 9.90 25.20 6.79
C SER A 95 10.49 24.22 5.78
N ALA A 96 9.77 24.02 4.68
CA ALA A 96 10.29 23.17 3.60
C ALA A 96 11.61 23.70 3.07
N GLU A 97 11.74 25.02 2.97
CA GLU A 97 12.98 25.64 2.49
C GLU A 97 14.13 25.34 3.43
N GLU A 98 13.90 25.46 4.75
CA GLU A 98 14.96 25.14 5.70
C GLU A 98 15.36 23.68 5.59
N LEU A 99 14.36 22.78 5.51
CA LEU A 99 14.66 21.36 5.42
C LEU A 99 15.40 21.03 4.13
N ALA A 100 14.99 21.65 3.02
CA ALA A 100 15.64 21.41 1.74
C ALA A 100 17.11 21.80 1.79
N ASP A 101 17.40 23.01 2.27
CA ASP A 101 18.78 23.47 2.32
C ASP A 101 19.63 22.60 3.24
N HIS A 102 19.06 22.19 4.38
CA HIS A 102 19.83 21.41 5.34
C HIS A 102 20.17 20.02 4.80
N LEU A 103 19.21 19.38 4.11
CA LEU A 103 19.38 18.00 3.67
C LEU A 103 19.92 17.87 2.26
N GLY A 104 20.02 18.97 1.50
CA GLY A 104 20.53 18.89 0.16
C GLY A 104 19.52 18.34 -0.82
N CYS A 105 18.33 18.94 -0.84
CA CYS A 105 17.25 18.52 -1.71
C CYS A 105 16.73 19.74 -2.45
N GLY A 106 16.35 19.56 -3.71
CA GLY A 106 15.70 20.63 -4.45
C GLY A 106 14.52 21.19 -3.66
N ARG A 107 14.35 22.51 -3.68
CA ARG A 107 13.33 23.12 -2.82
C ARG A 107 11.93 22.74 -3.23
N GLU A 108 11.66 22.63 -4.55
CA GLU A 108 10.33 22.23 -4.99
C GLU A 108 10.06 20.78 -4.64
N LEU A 109 11.02 19.91 -4.95
CA LEU A 109 10.88 18.50 -4.63
C LEU A 109 10.64 18.30 -3.15
N MET A 110 11.38 19.02 -2.30
CA MET A 110 11.22 18.85 -0.87
C MET A 110 9.83 19.29 -0.43
N SER A 111 9.36 20.43 -0.93
CA SER A 111 8.01 20.88 -0.59
C SER A 111 6.95 19.85 -1.00
N ARG A 112 7.07 19.29 -2.20
CA ARG A 112 6.08 18.31 -2.65
C ARG A 112 6.17 17.01 -1.86
N LEU A 113 7.38 16.55 -1.55
CA LEU A 113 7.53 15.37 -0.68
C LEU A 113 6.93 15.61 0.70
N LEU A 114 7.21 16.78 1.29
CA LEU A 114 6.70 17.02 2.65
C LEU A 114 5.18 17.15 2.67
N ARG A 115 4.58 17.73 1.62
CA ARG A 115 3.13 17.80 1.57
C ARG A 115 2.51 16.42 1.50
N TYR A 116 3.11 15.55 0.68
CA TYR A 116 2.69 14.16 0.63
C TYR A 116 2.86 13.49 1.98
N MET A 117 4.04 13.65 2.59
CA MET A 117 4.27 12.99 3.87
C MET A 117 3.28 13.46 4.93
N ALA A 118 2.95 14.75 4.96
CA ALA A 118 2.02 15.24 5.96
C ALA A 118 0.63 14.65 5.76
N SER A 119 0.26 14.39 4.51
CA SER A 119 -1.08 13.86 4.24
C SER A 119 -1.20 12.39 4.67
N VAL A 120 -0.10 11.68 4.86
CA VAL A 120 -0.16 10.31 5.36
C VAL A 120 0.51 10.19 6.72
N ARG A 121 0.63 11.31 7.43
CA ARG A 121 1.13 11.40 8.80
C ARG A 121 2.58 10.94 8.93
N MET A 122 3.32 10.86 7.82
CA MET A 122 4.76 10.57 7.93
C MET A 122 5.51 11.73 8.58
N VAL A 123 4.98 12.95 8.46
CA VAL A 123 5.31 14.11 9.28
C VAL A 123 3.99 14.82 9.59
N GLN A 124 4.06 15.89 10.38
CA GLN A 124 2.90 16.74 10.62
C GLN A 124 3.13 18.12 10.01
N GLN A 125 2.10 18.66 9.36
CA GLN A 125 2.14 20.02 8.85
C GLN A 125 1.43 20.96 9.82
N THR A 126 2.05 22.09 10.12
CA THR A 126 1.45 23.08 11.02
C THR A 126 0.57 24.06 10.25
N ASP A 127 -0.10 24.94 11.02
CA ASP A 127 -1.03 25.90 10.44
C ASP A 127 -0.32 26.92 9.57
N ASP A 128 0.95 27.20 9.83
CA ASP A 128 1.70 28.13 8.98
C ASP A 128 2.60 27.39 8.00
N ILE A 129 2.20 26.16 7.63
CA ILE A 129 2.87 25.37 6.61
C ILE A 129 4.33 25.12 6.98
N LYS A 130 4.58 24.76 8.22
CA LYS A 130 5.87 24.23 8.63
C LYS A 130 5.67 22.77 9.04
N TYR A 131 6.76 22.10 9.40
CA TYR A 131 6.71 20.66 9.59
C TYR A 131 7.37 20.27 10.92
N ILE A 132 6.71 19.33 11.61
CA ILE A 132 7.20 18.76 12.87
C ILE A 132 7.09 17.24 12.75
N SER A 133 7.77 16.55 13.66
CA SER A 133 7.73 15.11 13.63
C SER A 133 6.41 14.60 14.18
N SER A 134 5.96 13.48 13.62
CA SER A 134 4.84 12.69 14.10
C SER A 134 5.36 11.40 14.74
N ASN A 135 4.42 10.58 15.24
CA ASN A 135 4.82 9.25 15.72
C ASN A 135 5.53 8.47 14.61
N ILE A 136 5.09 8.62 13.37
CA ILE A 136 5.71 7.89 12.28
C ILE A 136 7.09 8.44 11.96
N THR A 137 7.27 9.76 12.06
CA THR A 137 8.62 10.31 11.92
C THR A 137 9.58 9.64 12.89
N GLN A 138 9.19 9.57 14.16
CA GLN A 138 10.06 8.99 15.18
C GLN A 138 10.33 7.51 14.90
N THR A 139 9.31 6.77 14.48
CA THR A 139 9.48 5.36 14.12
C THR A 139 10.52 5.19 13.02
N LEU A 140 10.41 5.97 11.94
CA LEU A 140 11.33 5.80 10.83
C LEU A 140 12.72 6.32 11.13
N ALA A 141 12.89 7.03 12.24
CA ALA A 141 14.21 7.46 12.67
C ALA A 141 14.95 6.38 13.47
N VAL A 142 14.26 5.35 13.93
CA VAL A 142 14.86 4.26 14.71
C VAL A 142 15.56 3.28 13.76
N PRO A 143 16.86 3.02 13.92
CA PRO A 143 17.58 2.25 12.89
C PRO A 143 16.97 0.90 12.55
N GLY A 144 16.58 0.10 13.55
CA GLY A 144 16.01 -1.20 13.25
C GLY A 144 14.68 -1.13 12.52
N LEU A 145 13.83 -0.16 12.87
CA LEU A 145 12.55 -0.03 12.18
C LEU A 145 12.74 0.56 10.78
N GLU A 146 13.61 1.56 10.64
CA GLU A 146 13.98 2.06 9.32
C GLU A 146 14.46 0.93 8.43
N ALA A 147 15.29 0.03 8.98
CA ALA A 147 15.78 -1.11 8.20
C ALA A 147 14.65 -2.01 7.75
N GLY A 148 13.59 -2.14 8.54
CA GLY A 148 12.46 -2.94 8.12
C GLY A 148 11.77 -2.32 6.91
N MET A 149 11.60 -1.01 6.93
CA MET A 149 11.03 -0.32 5.78
C MET A 149 11.92 -0.49 4.55
N ARG A 150 13.24 -0.36 4.73
CA ARG A 150 14.13 -0.48 3.57
C ARG A 150 14.13 -1.90 3.02
N HIS A 151 14.02 -2.90 3.89
CA HIS A 151 13.84 -4.29 3.46
C HIS A 151 12.58 -4.46 2.61
N ALA A 152 11.47 -3.85 3.04
CA ALA A 152 10.26 -3.98 2.25
C ALA A 152 10.46 -3.43 0.85
N PHE A 153 11.13 -2.28 0.74
CA PHE A 153 11.34 -1.66 -0.56
C PHE A 153 12.27 -2.51 -1.43
N GLU A 154 13.43 -2.92 -0.90
CA GLU A 154 14.44 -3.51 -1.77
C GLU A 154 14.31 -5.02 -1.95
N ASN A 155 13.69 -5.73 -1.01
CA ASN A 155 13.55 -7.18 -1.08
C ASN A 155 12.11 -7.65 -1.29
N LEU A 156 11.12 -7.05 -0.63
CA LEU A 156 9.75 -7.55 -0.80
C LEU A 156 9.12 -7.03 -2.09
N TRP A 157 9.27 -5.74 -2.38
CA TRP A 157 8.61 -5.20 -3.57
CA TRP A 157 8.64 -5.18 -3.58
C TRP A 157 9.02 -5.91 -4.86
N PRO A 158 10.30 -6.17 -5.14
CA PRO A 158 10.60 -6.85 -6.41
C PRO A 158 9.94 -8.21 -6.52
N VAL A 159 9.81 -8.93 -5.40
CA VAL A 159 9.24 -10.27 -5.44
C VAL A 159 7.73 -10.19 -5.68
N LEU A 160 7.05 -9.23 -5.03
CA LEU A 160 5.62 -9.06 -5.27
C LEU A 160 5.34 -8.58 -6.70
N MET A 161 6.20 -7.70 -7.24
N MET A 161 6.22 -7.72 -7.24
CA MET A 161 6.04 -7.25 -8.62
CA MET A 161 6.04 -7.27 -8.62
C MET A 161 6.19 -8.42 -9.60
C MET A 161 6.23 -8.39 -9.63
N ALA A 162 7.04 -9.40 -9.28
CA ALA A 162 7.25 -10.53 -10.18
C ALA A 162 6.21 -11.63 -10.01
N LEU A 163 5.49 -11.66 -8.89
CA LEU A 163 4.64 -12.81 -8.60
C LEU A 163 3.53 -13.02 -9.63
N PRO A 164 2.76 -11.99 -10.06
CA PRO A 164 1.65 -12.31 -10.99
C PRO A 164 2.11 -12.91 -12.32
N ASP A 165 3.17 -12.38 -12.93
CA ASP A 165 3.62 -12.96 -14.19
C ASP A 165 4.31 -14.29 -13.99
N PHE A 166 4.95 -14.49 -12.84
CA PHE A 166 5.52 -15.79 -12.52
C PHE A 166 4.44 -16.86 -12.50
N LEU A 167 3.35 -16.59 -11.77
CA LEU A 167 2.23 -17.54 -11.68
C LEU A 167 1.56 -17.74 -13.03
N ALA A 168 1.38 -16.66 -13.79
CA ALA A 168 0.74 -16.78 -15.09
C ALA A 168 1.57 -17.66 -16.02
N GLU A 169 2.87 -17.40 -16.11
CA GLU A 169 3.73 -18.16 -17.02
C GLU A 169 3.80 -19.63 -16.63
N ARG A 170 3.64 -19.94 -15.35
CA ARG A 170 3.76 -21.30 -14.86
C ARG A 170 2.41 -21.97 -14.65
N LYS A 171 1.31 -21.32 -15.04
CA LYS A 171 -0.03 -21.89 -14.95
C LYS A 171 -0.42 -22.18 -13.49
N TYR A 172 -0.10 -21.23 -12.62
CA TYR A 172 -0.59 -21.17 -11.24
C TYR A 172 -0.26 -22.43 -10.45
N PRO A 173 1.02 -22.77 -10.32
CA PRO A 173 1.40 -23.93 -9.51
C PRO A 173 1.30 -23.63 -8.03
N ASP A 174 1.10 -24.67 -7.24
CA ASP A 174 1.36 -24.55 -5.81
C ASP A 174 2.85 -24.34 -5.61
N ILE A 175 3.22 -23.31 -4.84
CA ILE A 175 4.62 -23.00 -4.58
C ILE A 175 5.06 -23.79 -3.36
N VAL A 176 6.12 -24.60 -3.50
CA VAL A 176 6.49 -25.52 -2.44
C VAL A 176 8.00 -25.54 -2.18
N ASP A 177 8.77 -24.86 -3.04
CA ASP A 177 10.22 -25.01 -3.06
C ASP A 177 10.88 -23.64 -3.03
N ALA A 178 11.91 -23.49 -2.18
CA ALA A 178 12.59 -22.20 -2.07
C ALA A 178 13.37 -21.86 -3.34
N LYS A 179 13.77 -22.87 -4.11
CA LYS A 179 14.48 -22.62 -5.36
C LYS A 179 13.55 -22.45 -6.57
N ASP A 180 12.23 -22.43 -6.38
CA ASP A 180 11.31 -22.28 -7.50
C ASP A 180 10.12 -21.43 -7.07
N THR A 181 10.37 -20.14 -6.86
CA THR A 181 9.29 -19.22 -6.53
C THR A 181 9.55 -17.91 -7.27
N ALA A 182 8.85 -16.84 -6.86
CA ALA A 182 8.94 -15.57 -7.57
C ALA A 182 10.31 -14.92 -7.42
N PHE A 183 11.02 -15.25 -6.34
CA PHE A 183 12.32 -14.64 -6.09
C PHE A 183 13.27 -14.83 -7.26
N GLN A 184 13.29 -16.04 -7.85
CA GLN A 184 14.24 -16.32 -8.92
C GLN A 184 13.96 -15.47 -10.16
N LYS A 185 12.69 -15.20 -10.43
CA LYS A 185 12.36 -14.29 -11.52
C LYS A 185 12.70 -12.84 -11.17
N ALA A 186 12.38 -12.42 -9.95
CA ALA A 186 12.61 -11.02 -9.56
C ALA A 186 14.08 -10.64 -9.66
N PHE A 187 14.96 -11.55 -9.25
CA PHE A 187 16.39 -11.22 -9.16
C PHE A 187 17.23 -11.98 -10.17
N ASN A 188 16.60 -12.61 -11.15
CA ASN A 188 17.30 -13.22 -12.29
C ASN A 188 18.43 -14.15 -11.83
N THR A 189 18.08 -15.07 -10.94
CA THR A 189 19.05 -16.00 -10.39
C THR A 189 18.38 -17.35 -10.23
N ASP A 190 19.20 -18.41 -10.13
CA ASP A 190 18.70 -19.73 -9.80
C ASP A 190 18.92 -20.09 -8.33
N GLN A 191 19.59 -19.24 -7.58
CA GLN A 191 19.84 -19.47 -6.16
C GLN A 191 18.56 -19.25 -5.36
N ASP A 192 18.49 -19.87 -4.19
CA ASP A 192 17.37 -19.48 -3.34
C ASP A 192 17.71 -18.17 -2.64
N CYS A 193 16.68 -17.58 -2.02
CA CYS A 193 16.80 -16.21 -1.50
C CYS A 193 17.97 -16.09 -0.53
N PHE A 194 18.03 -16.98 0.48
CA PHE A 194 19.04 -16.84 1.52
C PHE A 194 20.44 -17.00 0.96
N HIS A 195 20.63 -17.94 0.03
CA HIS A 195 21.95 -18.12 -0.58
C HIS A 195 22.36 -16.90 -1.41
N TRP A 196 21.42 -16.34 -2.17
CA TRP A 196 21.71 -15.17 -2.99
C TRP A 196 22.02 -13.96 -2.12
N LEU A 197 21.27 -13.76 -1.04
CA LEU A 197 21.47 -12.60 -0.18
C LEU A 197 22.87 -12.57 0.41
N ALA A 198 23.45 -13.74 0.65
CA ALA A 198 24.77 -13.79 1.27
C ALA A 198 25.86 -13.20 0.38
N THR A 199 25.57 -12.95 -0.89
CA THR A 199 26.53 -12.41 -1.85
C THR A 199 26.34 -10.92 -2.11
N GLN A 200 25.43 -10.27 -1.39
CA GLN A 200 25.04 -8.88 -1.65
C GLN A 200 25.32 -8.06 -0.40
N PRO A 201 26.51 -7.46 -0.29
CA PRO A 201 26.89 -6.84 1.00
C PRO A 201 25.97 -5.73 1.45
N THR A 202 25.39 -4.97 0.52
CA THR A 202 24.51 -3.86 0.91
C THR A 202 23.25 -4.39 1.57
N ARG A 203 22.73 -5.51 1.08
CA ARG A 203 21.55 -6.11 1.68
C ARG A 203 21.88 -6.77 3.00
N ILE A 204 23.07 -7.38 3.09
CA ILE A 204 23.51 -7.96 4.36
C ILE A 204 23.61 -6.89 5.43
N ALA A 205 24.10 -5.70 5.05
CA ALA A 205 24.25 -4.64 6.04
C ALA A 205 22.90 -4.22 6.60
N ASN A 206 21.88 -4.15 5.74
CA ASN A 206 20.55 -3.79 6.21
C ASN A 206 19.98 -4.86 7.14
N PHE A 207 20.21 -6.15 6.83
CA PHE A 207 19.74 -7.22 7.71
C PHE A 207 20.41 -7.17 9.07
N LYS A 208 21.70 -6.82 9.08
CA LYS A 208 22.41 -6.65 10.35
C LYS A 208 21.72 -5.62 11.23
N VAL A 209 21.29 -4.51 10.63
CA VAL A 209 20.60 -3.49 11.41
C VAL A 209 19.22 -3.98 11.83
N LEU A 210 18.53 -4.67 10.93
CA LEU A 210 17.21 -5.21 11.21
C LEU A 210 17.22 -6.11 12.44
N LEU A 211 18.29 -6.88 12.64
CA LEU A 211 18.37 -7.78 13.80
C LEU A 211 18.40 -7.05 15.12
N THR A 212 18.68 -5.74 15.14
CA THR A 212 18.70 -5.02 16.40
C THR A 212 17.31 -4.63 16.89
N ASP A 213 16.29 -4.72 16.04
CA ASP A 213 14.94 -4.45 16.51
C ASP A 213 14.47 -5.58 17.41
N GLU A 214 13.94 -5.24 18.57
CA GLU A 214 13.40 -6.25 19.47
C GLU A 214 11.88 -6.13 19.51
N ARG A 215 11.18 -7.21 19.20
CA ARG A 215 9.73 -7.19 19.22
C ARG A 215 9.21 -7.18 20.65
N THR A 216 8.11 -6.46 20.87
CA THR A 216 7.44 -6.43 22.16
C THR A 216 5.95 -6.61 21.92
N PRO A 217 5.25 -7.36 22.79
CA PRO A 217 5.79 -8.09 23.94
C PRO A 217 6.52 -9.36 23.49
N ASN A 218 7.06 -10.13 24.43
CA ASN A 218 7.70 -11.38 24.07
C ASN A 218 7.06 -12.52 24.88
N PHE A 219 7.51 -13.75 24.57
CA PHE A 219 6.85 -14.93 25.11
C PHE A 219 6.95 -15.01 26.62
N LEU A 220 7.93 -14.36 27.24
CA LEU A 220 8.05 -14.44 28.68
C LEU A 220 6.94 -13.72 29.42
N SER A 221 6.14 -12.91 28.71
CA SER A 221 5.03 -12.25 29.37
C SER A 221 3.96 -13.24 29.80
N THR A 222 3.84 -14.39 29.11
CA THR A 222 2.82 -15.38 29.45
C THR A 222 3.38 -16.79 29.67
N PHE A 223 4.64 -17.04 29.35
CA PHE A 223 5.18 -18.38 29.45
C PHE A 223 5.33 -18.79 30.91
N PRO A 224 4.66 -19.83 31.38
CA PRO A 224 4.80 -20.25 32.80
C PRO A 224 6.05 -21.09 33.00
N LEU A 225 7.18 -20.40 33.08
CA LEU A 225 8.47 -21.08 33.09
C LEU A 225 8.59 -22.05 34.28
N GLU A 226 8.22 -21.60 35.49
CA GLU A 226 8.38 -22.50 36.64
C GLU A 226 7.49 -23.73 36.51
N LYS A 227 6.29 -23.56 35.97
CA LYS A 227 5.42 -24.70 35.72
C LYS A 227 6.07 -25.64 34.70
N GLU A 228 6.58 -25.10 33.59
CA GLU A 228 7.16 -25.94 32.56
C GLU A 228 8.47 -26.58 33.01
N LEU A 229 9.19 -25.92 33.92
CA LEU A 229 10.40 -26.52 34.47
C LEU A 229 10.09 -27.80 35.25
N GLY A 230 9.01 -27.78 36.02
CA GLY A 230 8.79 -28.87 36.96
C GLY A 230 9.97 -29.02 37.89
N SER A 231 10.39 -30.26 38.10
CA SER A 231 11.49 -30.54 39.02
C SER A 231 12.84 -30.66 38.34
N TRP A 232 12.95 -30.22 37.08
CA TRP A 232 14.20 -30.29 36.34
C TRP A 232 15.34 -29.70 37.15
N SER A 233 16.47 -30.39 37.15
CA SER A 233 17.64 -29.95 37.89
C SER A 233 18.68 -29.45 36.91
N ALA A 234 19.26 -28.31 37.23
CA ALA A 234 20.40 -27.85 36.45
C ALA A 234 21.68 -28.56 36.85
N GLU A 235 21.64 -29.37 37.93
CA GLU A 235 22.86 -30.02 38.39
C GLU A 235 23.11 -31.32 37.61
N PRO A 236 24.37 -31.66 37.31
CA PRO A 236 25.59 -30.91 37.68
C PRO A 236 25.81 -29.60 36.91
N GLU A 237 25.66 -29.61 35.58
CA GLU A 237 25.95 -28.43 34.78
C GLU A 237 25.12 -28.44 33.48
N LYS A 238 23.81 -28.57 33.61
CA LYS A 238 22.93 -28.73 32.45
C LYS A 238 22.50 -27.37 31.89
N ALA A 239 22.01 -27.40 30.65
CA ALA A 239 21.58 -26.20 29.94
C ALA A 239 20.09 -25.96 30.15
N LEU A 240 19.74 -24.75 30.58
CA LEU A 240 18.34 -24.38 30.73
C LEU A 240 17.71 -24.00 29.39
N PHE A 241 18.44 -23.23 28.58
CA PHE A 241 17.86 -22.52 27.44
C PHE A 241 18.89 -22.44 26.32
N VAL A 242 18.56 -23.00 25.16
CA VAL A 242 19.41 -22.95 23.99
C VAL A 242 18.66 -22.19 22.91
N ASP A 243 19.14 -21.00 22.57
CA ASP A 243 18.45 -20.07 21.66
C ASP A 243 19.01 -20.28 20.26
N ILE A 244 18.29 -21.10 19.47
CA ILE A 244 18.80 -21.58 18.19
C ILE A 244 18.50 -20.57 17.10
N GLY A 245 19.54 -20.05 16.47
CA GLY A 245 19.38 -18.89 15.59
C GLY A 245 18.90 -17.67 16.34
N GLY A 246 19.49 -17.41 17.51
CA GLY A 246 18.98 -16.38 18.39
C GLY A 246 19.33 -14.95 18.04
N GLY A 247 20.04 -14.73 16.92
CA GLY A 247 20.33 -13.38 16.50
C GLY A 247 21.16 -12.63 17.53
N MET A 248 20.67 -11.46 17.94
CA MET A 248 21.38 -10.67 18.95
C MET A 248 21.21 -11.22 20.37
N GLY A 249 20.46 -12.32 20.55
CA GLY A 249 20.29 -12.88 21.88
C GLY A 249 19.24 -12.22 22.73
N HIS A 250 18.27 -11.52 22.13
CA HIS A 250 17.27 -10.82 22.92
C HIS A 250 16.51 -11.78 23.83
N ALA A 251 16.18 -12.98 23.34
CA ALA A 251 15.46 -13.93 24.17
C ALA A 251 16.28 -14.33 25.39
N CYS A 252 17.59 -14.56 25.19
CA CYS A 252 18.47 -14.92 26.30
C CYS A 252 18.58 -13.81 27.32
N ILE A 253 18.72 -12.58 26.85
CA ILE A 253 18.83 -11.42 27.74
C ILE A 253 17.57 -11.27 28.57
N ARG A 254 16.41 -11.33 27.91
CA ARG A 254 15.15 -11.15 28.65
C ARG A 254 14.91 -12.30 29.61
N LEU A 255 15.33 -13.52 29.25
CA LEU A 255 15.17 -14.66 30.15
C LEU A 255 15.98 -14.46 31.43
N ARG A 256 17.26 -14.11 31.29
CA ARG A 256 18.09 -13.87 32.46
C ARG A 256 17.57 -12.69 33.27
N GLU A 257 16.98 -11.70 32.60
CA GLU A 257 16.45 -10.53 33.30
C GLU A 257 15.22 -10.90 34.14
N LYS A 258 14.33 -11.71 33.57
CA LYS A 258 13.09 -12.04 34.26
C LYS A 258 13.29 -13.13 35.30
N TYR A 259 14.25 -14.02 35.07
CA TYR A 259 14.49 -15.20 35.91
C TYR A 259 15.96 -15.20 36.32
N PRO A 260 16.38 -14.20 37.10
CA PRO A 260 17.80 -14.08 37.42
C PRO A 260 18.33 -15.14 38.35
N ASN A 261 17.45 -15.86 39.06
CA ASN A 261 17.87 -16.86 40.04
C ASN A 261 17.70 -18.29 39.56
N GLN A 262 17.22 -18.51 38.35
CA GLN A 262 17.06 -19.88 37.84
C GLN A 262 18.41 -20.39 37.36
N PRO A 263 18.91 -21.50 37.89
CA PRO A 263 20.21 -22.02 37.45
C PRO A 263 20.12 -22.73 36.10
N GLY A 264 21.27 -22.87 35.46
CA GLY A 264 21.36 -23.58 34.19
C GLY A 264 21.99 -22.75 33.10
N ARG A 265 22.67 -23.40 32.15
CA ARG A 265 23.35 -22.67 31.09
C ARG A 265 22.33 -22.01 30.18
N VAL A 266 22.63 -20.80 29.73
CA VAL A 266 21.82 -20.09 28.73
C VAL A 266 22.74 -19.82 27.55
N ILE A 267 22.39 -20.35 26.38
CA ILE A 267 23.31 -20.46 25.26
C ILE A 267 22.68 -19.81 24.05
N LEU A 268 23.38 -18.83 23.47
CA LEU A 268 22.99 -18.20 22.21
C LEU A 268 23.71 -18.92 21.07
N GLN A 269 22.95 -19.50 20.14
CA GLN A 269 23.52 -20.15 18.97
C GLN A 269 23.19 -19.37 17.71
N ASP A 270 24.19 -19.04 16.92
CA ASP A 270 23.99 -18.39 15.62
C ASP A 270 25.28 -18.53 14.83
N LEU A 271 25.32 -17.89 13.67
CA LEU A 271 26.51 -17.98 12.84
C LEU A 271 27.54 -16.96 13.31
N PRO A 272 28.82 -17.21 13.03
CA PRO A 272 29.89 -16.40 13.66
C PRO A 272 29.74 -14.90 13.43
N PRO A 273 29.41 -14.43 12.21
CA PRO A 273 29.31 -12.96 12.05
C PRO A 273 28.20 -12.36 12.89
N VAL A 274 27.14 -13.12 13.17
CA VAL A 274 26.04 -12.58 13.96
C VAL A 274 26.41 -12.56 15.43
N LEU A 275 27.09 -13.61 15.90
CA LEU A 275 27.56 -13.63 17.28
C LEU A 275 28.56 -12.51 17.55
N GLN A 276 29.39 -12.15 16.57
CA GLN A 276 30.30 -11.04 16.78
C GLN A 276 29.55 -9.73 16.92
N ALA A 277 28.53 -9.51 16.09
CA ALA A 277 27.67 -8.34 16.24
C ALA A 277 26.98 -8.32 17.61
N ALA A 278 26.63 -9.49 18.14
CA ALA A 278 25.88 -9.55 19.39
C ALA A 278 26.73 -9.21 20.60
N GLN A 279 28.06 -9.38 20.51
CA GLN A 279 28.92 -9.29 21.69
C GLN A 279 28.81 -7.94 22.38
N ALA A 280 28.73 -6.85 21.59
CA ALA A 280 28.73 -5.52 22.18
C ALA A 280 27.61 -5.33 23.19
N THR A 281 26.48 -6.02 23.00
CA THR A 281 25.29 -5.78 23.81
C THR A 281 24.89 -6.98 24.66
N LEU A 282 25.68 -8.05 24.69
CA LEU A 282 25.38 -9.14 25.61
C LEU A 282 25.91 -8.83 27.01
N PRO A 283 25.28 -9.36 28.04
CA PRO A 283 25.85 -9.21 29.39
C PRO A 283 27.25 -9.79 29.47
N LEU A 284 28.01 -9.30 30.44
CA LEU A 284 29.40 -9.74 30.59
C LEU A 284 29.50 -11.20 30.98
N SER A 285 28.47 -11.77 31.60
CA SER A 285 28.49 -13.15 32.03
C SER A 285 27.07 -13.70 32.00
N GLY A 286 26.97 -15.02 32.06
CA GLY A 286 25.71 -15.69 32.17
C GLY A 286 25.11 -16.15 30.86
N ILE A 287 25.57 -15.64 29.72
CA ILE A 287 25.06 -16.06 28.42
C ILE A 287 26.24 -16.48 27.55
N GLU A 288 26.23 -17.73 27.12
CA GLU A 288 27.30 -18.25 26.27
C GLU A 288 26.97 -17.97 24.81
N SER A 289 27.99 -17.60 24.05
CA SER A 289 27.87 -17.46 22.60
C SER A 289 28.48 -18.71 21.96
N MET A 290 27.68 -19.47 21.25
CA MET A 290 28.13 -20.72 20.66
C MET A 290 27.87 -20.71 19.17
N PRO A 291 28.90 -20.67 18.32
CA PRO A 291 28.65 -20.77 16.88
C PRO A 291 28.05 -22.12 16.55
N HIS A 292 26.96 -22.10 15.78
CA HIS A 292 26.26 -23.33 15.45
C HIS A 292 25.38 -23.08 14.24
N ASN A 293 25.50 -23.94 13.25
CA ASN A 293 24.66 -23.91 12.07
C ASN A 293 23.50 -24.87 12.31
N PHE A 294 22.26 -24.34 12.31
CA PHE A 294 21.16 -25.20 12.73
C PHE A 294 20.75 -26.22 11.64
N HIS A 295 21.46 -26.28 10.53
CA HIS A 295 21.33 -27.41 9.61
C HIS A 295 22.24 -28.58 9.97
N THR A 296 22.90 -28.55 11.13
CA THR A 296 23.73 -29.65 11.61
C THR A 296 23.22 -30.13 12.97
N PRO A 297 23.66 -31.32 13.41
CA PRO A 297 23.15 -31.84 14.68
C PRO A 297 23.42 -30.91 15.86
N GLN A 298 22.41 -30.79 16.72
CA GLN A 298 22.48 -29.91 17.88
C GLN A 298 23.55 -30.40 18.87
N PRO A 299 24.55 -29.59 19.20
CA PRO A 299 25.63 -30.09 20.07
C PRO A 299 25.28 -30.16 21.54
N VAL A 300 24.38 -29.29 22.01
CA VAL A 300 24.09 -29.21 23.43
C VAL A 300 23.11 -30.32 23.81
N GLN A 301 23.55 -31.21 24.71
CA GLN A 301 22.77 -32.40 25.03
C GLN A 301 21.88 -32.18 26.25
N GLY A 302 20.62 -32.59 26.15
CA GLY A 302 19.75 -32.69 27.30
C GLY A 302 19.32 -31.38 27.91
N ALA A 303 19.28 -30.31 27.12
CA ALA A 303 18.82 -29.02 27.63
C ALA A 303 17.33 -29.07 27.96
N LYS A 304 16.90 -28.20 28.87
CA LYS A 304 15.48 -28.16 29.19
C LYS A 304 14.67 -27.58 28.02
N PHE A 305 15.10 -26.45 27.46
CA PHE A 305 14.39 -25.79 26.37
C PHE A 305 15.31 -25.55 25.19
N TYR A 306 14.93 -26.06 24.02
CA TYR A 306 15.54 -25.71 22.74
C TYR A 306 14.57 -24.75 22.04
N PHE A 307 14.98 -23.51 21.84
CA PHE A 307 14.07 -22.42 21.51
C PHE A 307 14.30 -21.97 20.07
N LEU A 308 13.23 -21.96 19.26
CA LEU A 308 13.29 -21.55 17.85
C LEU A 308 12.27 -20.44 17.64
N ARG A 309 12.69 -19.18 17.65
CA ARG A 309 11.77 -18.06 17.49
C ARG A 309 11.88 -17.50 16.08
N LEU A 310 10.76 -17.54 15.34
CA LEU A 310 10.66 -17.00 13.98
C LEU A 310 11.76 -17.56 13.07
N ILE A 311 12.09 -18.82 13.28
CA ILE A 311 13.02 -19.53 12.43
C ILE A 311 12.29 -20.35 11.38
N LEU A 312 11.36 -21.20 11.83
CA LEU A 312 10.79 -22.22 10.96
C LEU A 312 9.82 -21.64 9.94
N ARG A 313 9.25 -20.45 10.20
CA ARG A 313 8.39 -19.85 9.18
C ARG A 313 9.15 -19.49 7.91
N ASP A 314 10.48 -19.41 7.96
CA ASP A 314 11.25 -19.05 6.78
C ASP A 314 11.58 -20.23 5.88
N PHE A 315 11.09 -21.43 6.22
CA PHE A 315 11.48 -22.63 5.51
C PHE A 315 10.26 -23.45 5.10
N PRO A 316 10.26 -24.00 3.89
CA PRO A 316 9.25 -25.00 3.52
C PRO A 316 9.34 -26.22 4.43
N ASP A 317 8.31 -27.06 4.37
CA ASP A 317 8.19 -28.19 5.31
C ASP A 317 9.44 -29.07 5.30
N HIS A 318 9.98 -29.37 4.12
CA HIS A 318 11.11 -30.31 4.07
C HIS A 318 12.30 -29.78 4.88
N GLN A 319 12.63 -28.50 4.70
CA GLN A 319 13.77 -27.92 5.41
C GLN A 319 13.43 -27.65 6.88
N ALA A 320 12.20 -27.21 7.18
CA ALA A 320 11.81 -27.03 8.57
C ALA A 320 11.89 -28.34 9.33
N LEU A 321 11.49 -29.43 8.69
CA LEU A 321 11.57 -30.74 9.33
C LEU A 321 13.02 -31.11 9.63
N GLU A 322 13.94 -30.85 8.68
CA GLU A 322 15.34 -31.19 8.91
C GLU A 322 15.92 -30.41 10.09
N ILE A 323 15.50 -29.15 10.26
CA ILE A 323 15.97 -28.37 11.42
C ILE A 323 15.52 -29.04 12.72
N LEU A 324 14.26 -29.51 12.79
CA LEU A 324 13.78 -30.20 13.98
C LEU A 324 14.47 -31.54 14.17
N GLN A 325 14.66 -32.29 13.10
CA GLN A 325 15.34 -33.58 13.21
C GLN A 325 16.80 -33.43 13.65
N ASN A 326 17.40 -32.27 13.45
CA ASN A 326 18.75 -32.05 13.97
C ASN A 326 18.77 -31.86 15.48
N ILE A 327 17.63 -31.50 16.08
CA ILE A 327 17.56 -31.27 17.52
C ILE A 327 17.15 -32.51 18.28
N VAL A 328 16.20 -33.28 17.74
CA VAL A 328 15.56 -34.39 18.47
C VAL A 328 16.58 -35.36 19.09
N PRO A 329 17.65 -35.77 18.39
CA PRO A 329 18.60 -36.70 19.03
C PRO A 329 19.28 -36.14 20.28
N ALA A 330 19.32 -34.82 20.47
CA ALA A 330 19.93 -34.24 21.66
C ALA A 330 19.01 -34.23 22.87
N MET A 331 17.72 -34.52 22.68
CA MET A 331 16.73 -34.37 23.74
C MET A 331 16.73 -35.56 24.68
N ASP A 332 16.55 -35.29 25.96
CA ASP A 332 16.20 -36.38 26.87
C ASP A 332 14.71 -36.23 27.20
N ALA A 333 14.22 -37.08 28.10
CA ALA A 333 12.78 -37.14 28.34
C ALA A 333 12.24 -35.80 28.85
N GLU A 334 13.03 -35.04 29.60
CA GLU A 334 12.59 -33.76 30.11
C GLU A 334 12.81 -32.60 29.14
N SER A 335 13.55 -32.80 28.05
CA SER A 335 13.79 -31.72 27.10
C SER A 335 12.51 -31.34 26.38
N ARG A 336 12.42 -30.06 26.00
CA ARG A 336 11.32 -29.57 25.20
C ARG A 336 11.87 -28.73 24.06
N ILE A 337 11.26 -28.82 22.88
CA ILE A 337 11.48 -27.85 21.81
C ILE A 337 10.38 -26.81 21.90
N VAL A 338 10.76 -25.55 21.96
CA VAL A 338 9.82 -24.44 22.05
C VAL A 338 9.87 -23.69 20.73
N ILE A 339 8.79 -23.77 19.96
CA ILE A 339 8.65 -23.03 18.72
C ILE A 339 7.87 -21.77 19.03
N ASP A 340 8.49 -20.61 18.85
CA ASP A 340 7.85 -19.31 19.07
C ASP A 340 7.63 -18.69 17.70
N ASP A 341 6.39 -18.63 17.25
CA ASP A 341 6.15 -18.26 15.87
C ASP A 341 4.68 -17.88 15.74
N GLY A 342 4.28 -17.50 14.53
CA GLY A 342 2.89 -17.15 14.29
C GLY A 342 2.01 -18.40 14.22
N VAL A 343 0.82 -18.29 14.79
CA VAL A 343 -0.17 -19.37 14.75
C VAL A 343 -1.50 -18.80 14.25
N PRO A 344 -1.65 -18.58 12.95
CA PRO A 344 -2.93 -18.03 12.45
C PRO A 344 -4.06 -18.99 12.74
N PRO A 345 -5.28 -18.47 12.85
CA PRO A 345 -6.44 -19.33 13.06
C PRO A 345 -6.83 -20.06 11.79
N GLU A 346 -7.74 -21.03 11.96
CA GLU A 346 -8.23 -21.81 10.83
C GLU A 346 -9.09 -20.98 9.90
N LYS A 347 -9.74 -19.94 10.42
CA LYS A 347 -10.53 -19.04 9.60
C LYS A 347 -10.49 -17.65 10.21
N GLY A 348 -10.80 -16.65 9.41
CA GLY A 348 -10.79 -15.27 9.87
C GLY A 348 -9.41 -14.72 10.18
N ALA A 349 -8.37 -15.23 9.52
CA ALA A 349 -7.03 -14.72 9.75
C ALA A 349 -6.93 -13.26 9.30
N ARG A 350 -6.04 -12.52 9.92
CA ARG A 350 -5.98 -11.08 9.69
C ARG A 350 -4.87 -10.72 8.71
N TRP A 351 -4.90 -9.47 8.23
CA TRP A 351 -4.05 -9.10 7.11
C TRP A 351 -2.56 -9.26 7.43
N ALA A 352 -2.16 -9.07 8.69
CA ALA A 352 -0.73 -9.19 9.00
C ALA A 352 -0.25 -10.63 8.81
N GLU A 353 -1.10 -11.61 9.15
CA GLU A 353 -0.76 -13.03 9.02
C GLU A 353 -0.83 -13.50 7.58
N THR A 354 -1.92 -13.18 6.89
CA THR A 354 -2.07 -13.64 5.51
C THR A 354 -1.11 -12.88 4.59
N GLY A 355 -0.91 -11.60 4.83
CA GLY A 355 0.04 -10.86 4.03
C GLY A 355 1.46 -11.40 4.17
N THR A 356 1.85 -11.72 5.40
CA THR A 356 3.14 -12.35 5.63
C THR A 356 3.23 -13.67 4.87
N ASP A 357 2.15 -14.46 4.92
CA ASP A 357 2.10 -15.74 4.21
C ASP A 357 2.37 -15.57 2.72
N ILE A 358 1.72 -14.59 2.08
CA ILE A 358 1.93 -14.37 0.65
C ILE A 358 3.36 -13.91 0.36
N CYS A 359 3.92 -13.07 1.24
CA CYS A 359 5.27 -12.56 1.00
C CYS A 359 6.32 -13.66 1.15
N ILE A 360 6.22 -14.47 2.20
CA ILE A 360 7.25 -15.49 2.36
C ILE A 360 7.06 -16.63 1.37
N MET A 361 5.83 -16.86 0.90
CA MET A 361 5.63 -17.77 -0.22
C MET A 361 6.40 -17.31 -1.44
N SER A 362 6.28 -16.02 -1.75
CA SER A 362 6.88 -15.47 -2.97
C SER A 362 8.40 -15.38 -2.87
N ALA A 363 8.96 -15.09 -1.70
CA ALA A 363 10.40 -14.93 -1.60
C ALA A 363 11.12 -16.21 -1.19
N LEU A 364 10.51 -16.99 -0.30
CA LEU A 364 11.21 -18.09 0.37
C LEU A 364 10.59 -19.45 0.08
N GLY A 365 9.41 -19.51 -0.54
CA GLY A 365 8.68 -20.75 -0.72
C GLY A 365 8.04 -21.32 0.53
N SER A 366 7.99 -20.57 1.63
CA SER A 366 7.50 -21.11 2.89
C SER A 366 6.07 -20.62 3.12
N LYS A 367 5.62 -20.62 4.38
CA LYS A 367 4.22 -20.40 4.69
C LYS A 367 4.05 -20.12 6.17
N GLU A 368 2.96 -19.44 6.50
CA GLU A 368 2.47 -19.41 7.87
C GLU A 368 1.72 -20.70 8.16
N ARG A 369 1.76 -21.14 9.42
CA ARG A 369 1.22 -22.45 9.76
C ARG A 369 0.21 -22.30 10.89
N THR A 370 -0.98 -22.88 10.71
CA THR A 370 -1.92 -23.00 11.81
C THR A 370 -1.40 -23.97 12.87
N GLN A 371 -2.10 -24.01 13.99
CA GLN A 371 -1.71 -24.96 15.03
C GLN A 371 -1.71 -26.39 14.50
N ARG A 372 -2.75 -26.77 13.74
CA ARG A 372 -2.77 -28.13 13.19
C ARG A 372 -1.59 -28.38 12.25
N GLN A 373 -1.20 -27.37 11.47
CA GLN A 373 -0.08 -27.55 10.57
C GLN A 373 1.25 -27.63 11.32
N TRP A 374 1.39 -26.88 12.43
CA TRP A 374 2.58 -27.05 13.27
C TRP A 374 2.63 -28.46 13.85
N GLU A 375 1.49 -28.97 14.32
CA GLU A 375 1.47 -30.29 14.93
C GLU A 375 1.79 -31.37 13.91
N GLU A 376 1.31 -31.21 12.68
CA GLU A 376 1.61 -32.18 11.64
C GLU A 376 3.10 -32.16 11.29
N LEU A 377 3.69 -30.97 11.17
CA LEU A 377 5.13 -30.88 10.95
C LEU A 377 5.91 -31.52 12.10
N ALA A 378 5.57 -31.16 13.33
CA ALA A 378 6.33 -31.68 14.47
C ALA A 378 6.19 -33.18 14.60
N ALA A 379 5.03 -33.71 14.24
CA ALA A 379 4.83 -35.15 14.35
C ALA A 379 5.77 -35.93 13.46
N LYS A 380 6.15 -35.37 12.30
CA LYS A 380 7.09 -36.04 11.42
C LYS A 380 8.49 -36.11 12.01
N ALA A 381 8.79 -35.26 12.99
CA ALA A 381 10.05 -35.31 13.72
C ALA A 381 9.95 -36.11 15.00
N GLY A 382 8.83 -36.80 15.24
CA GLY A 382 8.64 -37.55 16.45
C GLY A 382 8.27 -36.73 17.67
N LEU A 383 7.64 -35.57 17.47
CA LEU A 383 7.33 -34.64 18.55
C LEU A 383 5.82 -34.54 18.76
N GLN A 384 5.41 -34.24 19.99
CA GLN A 384 4.00 -34.03 20.31
C GLN A 384 3.84 -32.72 21.05
N LEU A 385 2.76 -32.01 20.75
CA LEU A 385 2.50 -30.73 21.39
C LEU A 385 2.00 -30.95 22.81
N GLN A 386 2.66 -30.32 23.78
CA GLN A 386 2.24 -30.41 25.18
C GLN A 386 1.46 -29.20 25.64
N ALA A 387 1.79 -28.01 25.14
CA ALA A 387 1.18 -26.77 25.61
C ALA A 387 1.39 -25.69 24.56
N LEU A 388 0.48 -24.72 24.54
CA LEU A 388 0.60 -23.57 23.64
C LEU A 388 0.29 -22.33 24.45
N TYR A 389 1.23 -21.37 24.46
CA TYR A 389 1.10 -20.18 25.28
C TYR A 389 1.10 -18.94 24.40
N GLN A 390 -0.11 -18.44 24.11
N GLN A 390 -0.10 -18.43 24.10
CA GLN A 390 -0.25 -17.23 23.32
CA GLN A 390 -0.21 -17.25 23.27
C GLN A 390 0.33 -16.04 24.08
C GLN A 390 0.25 -16.02 24.04
N TYR A 391 0.90 -15.09 23.35
CA TYR A 391 1.34 -13.85 23.99
C TYR A 391 1.07 -12.59 23.19
N THR A 392 0.49 -12.68 21.99
CA THR A 392 -0.04 -11.52 21.29
C THR A 392 -1.43 -11.84 20.76
N TRP A 393 -2.21 -10.77 20.56
CA TRP A 393 -3.59 -10.78 20.08
C TRP A 393 -3.84 -9.47 19.36
N PRO A 394 -4.71 -9.44 18.34
CA PRO A 394 -5.47 -10.56 17.77
C PRO A 394 -4.65 -11.43 16.81
N VAL A 395 -3.55 -10.91 16.28
CA VAL A 395 -2.63 -11.71 15.49
C VAL A 395 -1.80 -12.55 16.46
N VAL A 396 -1.90 -13.87 16.35
CA VAL A 396 -1.41 -14.79 17.38
C VAL A 396 0.06 -15.12 17.15
N ASN A 397 0.88 -14.78 18.12
CA ASN A 397 2.19 -15.38 18.29
C ASN A 397 2.13 -16.19 19.58
N ALA A 398 2.75 -17.37 19.56
CA ALA A 398 2.64 -18.24 20.72
C ALA A 398 3.92 -19.05 20.86
N ALA A 399 4.24 -19.39 22.11
CA ALA A 399 5.29 -20.36 22.40
C ALA A 399 4.64 -21.75 22.47
N MET A 400 4.95 -22.60 21.49
CA MET A 400 4.43 -23.96 21.44
C MET A 400 5.49 -24.90 22.00
N VAL A 401 5.10 -25.71 23.00
CA VAL A 401 6.03 -26.58 23.73
C VAL A 401 5.82 -28.01 23.27
N PHE A 402 6.86 -28.60 22.68
CA PHE A 402 6.83 -29.96 22.16
C PHE A 402 7.76 -30.86 22.95
N SER A 403 7.34 -32.11 23.16
CA SER A 403 8.17 -33.15 23.77
C SER A 403 8.30 -34.31 22.79
N LEU A 404 9.24 -35.21 23.10
CA LEU A 404 9.31 -36.48 22.41
C LEU A 404 7.98 -37.23 22.50
N GLN A 405 7.62 -37.91 21.42
CA GLN A 405 6.42 -38.75 21.41
C GLN A 405 6.61 -39.92 22.38
N SER B 17 -15.53 -6.12 27.26
CA SER B 17 -15.21 -6.98 26.12
C SER B 17 -14.65 -6.19 24.94
N ASN B 18 -13.44 -6.56 24.50
CA ASN B 18 -12.85 -5.93 23.33
C ASN B 18 -13.70 -6.18 22.10
N ALA B 19 -14.18 -7.41 21.90
CA ALA B 19 -15.03 -7.69 20.75
C ALA B 19 -16.29 -6.83 20.80
N GLU B 20 -16.88 -6.68 21.98
CA GLU B 20 -18.11 -5.89 22.04
C GLU B 20 -17.85 -4.42 21.75
N THR B 21 -16.74 -3.87 22.26
CA THR B 21 -16.39 -2.49 21.96
C THR B 21 -16.16 -2.29 20.47
N VAL B 22 -15.44 -3.21 19.86
CA VAL B 22 -15.14 -3.11 18.43
C VAL B 22 -16.43 -3.16 17.62
N ALA B 23 -17.34 -4.06 17.98
CA ALA B 23 -18.60 -4.15 17.23
C ALA B 23 -19.41 -2.87 17.38
N ALA B 24 -19.35 -2.26 18.58
CA ALA B 24 -20.12 -1.04 18.82
C ALA B 24 -19.55 0.13 18.02
N ILE B 25 -18.22 0.23 17.95
CA ILE B 25 -17.60 1.24 17.09
C ILE B 25 -18.08 1.10 15.66
N LYS B 26 -18.04 -0.12 15.12
CA LYS B 26 -18.48 -0.34 13.75
C LYS B 26 -19.93 0.08 13.56
N THR B 27 -20.81 -0.35 14.48
CA THR B 27 -22.21 0.01 14.37
C THR B 27 -22.38 1.53 14.31
N LEU B 28 -21.70 2.26 15.20
CA LEU B 28 -21.96 3.70 15.28
C LEU B 28 -21.40 4.44 14.06
N ILE B 29 -20.21 4.08 13.60
N ILE B 29 -20.20 4.06 13.60
CA ILE B 29 -19.65 4.76 12.44
CA ILE B 29 -19.63 4.68 12.41
C ILE B 29 -20.44 4.41 11.17
C ILE B 29 -20.50 4.39 11.19
N GLN B 30 -20.95 3.19 11.08
N GLN B 30 -20.96 3.14 11.04
CA GLN B 30 -21.79 2.85 9.93
CA GLN B 30 -21.83 2.82 9.92
C GLN B 30 -23.09 3.66 9.93
C GLN B 30 -23.07 3.69 9.93
N GLN B 31 -23.68 3.88 11.11
CA GLN B 31 -24.91 4.67 11.19
C GLN B 31 -24.64 6.13 10.86
N LEU B 32 -23.53 6.67 11.36
CA LEU B 32 -23.15 8.04 11.03
C LEU B 32 -22.86 8.20 9.55
N ALA B 33 -22.20 7.20 8.94
CA ALA B 33 -21.87 7.30 7.53
C ALA B 33 -23.12 7.29 6.66
N GLN B 34 -24.10 6.44 7.02
CA GLN B 34 -25.29 6.38 6.19
C GLN B 34 -26.15 7.62 6.33
N SER B 35 -25.97 8.39 7.39
CA SER B 35 -26.76 9.59 7.62
C SER B 35 -26.23 10.83 6.89
N THR B 36 -25.06 10.75 6.27
CA THR B 36 -24.52 11.90 5.56
C THR B 36 -24.49 11.59 4.06
N ASP B 37 -23.92 12.50 3.27
CA ASP B 37 -23.86 12.29 1.83
C ASP B 37 -22.47 11.77 1.45
N GLN B 38 -22.21 11.65 0.15
CA GLN B 38 -20.94 11.03 -0.26
C GLN B 38 -19.73 11.85 0.21
N PHE B 39 -19.88 13.17 0.31
CA PHE B 39 -18.76 14.00 0.73
C PHE B 39 -18.49 13.84 2.22
N GLY B 40 -19.57 13.76 3.01
CA GLY B 40 -19.42 13.44 4.42
C GLY B 40 -18.80 12.09 4.66
N ARG B 41 -19.15 11.09 3.85
CA ARG B 41 -18.53 9.77 4.03
C ARG B 41 -17.06 9.81 3.68
N ALA B 42 -16.68 10.61 2.68
CA ALA B 42 -15.27 10.75 2.36
C ALA B 42 -14.50 11.39 3.52
N GLU B 43 -15.10 12.39 4.18
CA GLU B 43 -14.44 12.98 5.35
C GLU B 43 -14.29 11.96 6.47
N ILE B 44 -15.32 11.13 6.70
CA ILE B 44 -15.23 10.11 7.73
C ILE B 44 -14.12 9.13 7.39
N ASN B 45 -14.04 8.70 6.13
CA ASN B 45 -13.01 7.73 5.76
C ASN B 45 -11.61 8.29 5.93
N ASP B 46 -11.43 9.59 5.63
CA ASP B 46 -10.12 10.20 5.84
C ASP B 46 -9.79 10.25 7.34
N ALA B 47 -10.79 10.50 8.19
CA ALA B 47 -10.56 10.49 9.63
C ALA B 47 -10.20 9.09 10.14
N LEU B 48 -10.84 8.06 9.59
CA LEU B 48 -10.50 6.71 10.02
C LEU B 48 -9.06 6.37 9.65
N ARG B 49 -8.62 6.80 8.47
CA ARG B 49 -7.23 6.60 8.09
C ARG B 49 -6.29 7.33 9.05
N GLU B 50 -6.59 8.60 9.36
CA GLU B 50 -5.74 9.34 10.28
C GLU B 50 -5.68 8.68 11.65
N LEU B 51 -6.82 8.20 12.16
CA LEU B 51 -6.84 7.53 13.46
C LEU B 51 -5.98 6.28 13.44
N GLN B 52 -6.12 5.46 12.39
N GLN B 52 -6.12 5.47 12.39
CA GLN B 52 -5.27 4.29 12.26
CA GLN B 52 -5.31 4.28 12.22
C GLN B 52 -3.80 4.65 12.37
C GLN B 52 -3.81 4.60 12.30
N TYR B 53 -3.36 5.63 11.57
CA TYR B 53 -1.95 5.97 11.55
C TYR B 53 -1.47 6.46 12.91
N SER B 54 -2.33 7.17 13.64
CA SER B 54 -1.94 7.71 14.93
C SER B 54 -1.94 6.67 16.03
N LEU B 55 -2.72 5.59 15.89
CA LEU B 55 -2.87 4.58 16.94
C LEU B 55 -2.00 3.33 16.71
N GLU B 56 -1.41 3.15 15.54
N GLU B 56 -1.37 3.18 15.55
CA GLU B 56 -0.56 1.99 15.32
CA GLU B 56 -0.53 2.02 15.28
C GLU B 56 0.72 2.10 16.14
C GLU B 56 0.78 2.10 16.04
N THR B 57 1.27 0.95 16.51
CA THR B 57 2.58 0.92 17.16
C THR B 57 3.67 1.14 16.12
N PRO B 58 4.89 1.48 16.55
CA PRO B 58 5.99 1.60 15.58
C PRO B 58 6.17 0.35 14.73
N PHE B 59 6.15 -0.85 15.34
CA PHE B 59 6.28 -2.06 14.54
C PHE B 59 5.13 -2.20 13.54
N ASP B 60 3.91 -1.87 13.95
CA ASP B 60 2.76 -1.99 13.04
C ASP B 60 2.83 -1.00 11.89
N THR B 61 3.42 0.19 12.13
CA THR B 61 3.69 1.12 11.03
C THR B 61 4.52 0.44 9.94
N VAL B 62 5.63 -0.18 10.34
CA VAL B 62 6.49 -0.81 9.36
C VAL B 62 5.79 -2.01 8.73
N MET B 63 5.04 -2.79 9.54
CA MET B 63 4.31 -3.93 8.98
C MET B 63 3.28 -3.47 7.96
N ARG B 64 2.55 -2.39 8.26
CA ARG B 64 1.60 -1.84 7.30
C ARG B 64 2.29 -1.43 6.01
N MET B 65 3.38 -0.67 6.12
CA MET B 65 4.09 -0.27 4.91
C MET B 65 4.66 -1.47 4.18
N SER B 66 5.09 -2.51 4.90
CA SER B 66 5.66 -3.68 4.25
C SER B 66 4.61 -4.48 3.48
N LEU B 67 3.38 -4.57 4.01
CA LEU B 67 2.41 -5.52 3.49
C LEU B 67 1.28 -4.93 2.66
N ASP B 68 0.93 -3.65 2.83
CA ASP B 68 -0.22 -3.16 2.09
C ASP B 68 0.04 -3.20 0.59
N THR B 69 1.33 -3.16 0.22
CA THR B 69 1.77 -3.35 -1.16
C THR B 69 1.20 -4.60 -1.82
N ALA B 70 1.09 -5.68 -1.06
CA ALA B 70 0.66 -6.95 -1.63
C ALA B 70 -0.76 -6.90 -2.21
N GLN B 71 -1.58 -5.94 -1.78
CA GLN B 71 -2.96 -5.89 -2.30
C GLN B 71 -2.98 -5.72 -3.81
N VAL B 72 -2.10 -4.87 -4.36
CA VAL B 72 -2.14 -4.65 -5.80
C VAL B 72 -1.70 -5.91 -6.54
N ALA B 73 -0.65 -6.58 -6.04
CA ALA B 73 -0.19 -7.78 -6.70
C ALA B 73 -1.26 -8.86 -6.69
N VAL B 74 -1.95 -9.02 -5.55
CA VAL B 74 -2.94 -10.09 -5.46
C VAL B 74 -4.19 -9.72 -6.26
N ALA B 75 -4.56 -8.44 -6.32
CA ALA B 75 -5.66 -8.04 -7.20
C ALA B 75 -5.32 -8.33 -8.65
N ARG B 76 -4.08 -8.08 -9.05
CA ARG B 76 -3.67 -8.38 -10.42
CA ARG B 76 -3.65 -8.38 -10.41
C ARG B 76 -3.81 -9.87 -10.71
N ILE B 77 -3.44 -10.71 -9.75
CA ILE B 77 -3.57 -12.16 -9.92
C ILE B 77 -5.04 -12.55 -10.03
N GLY B 78 -5.89 -11.98 -9.16
CA GLY B 78 -7.33 -12.26 -9.25
C GLY B 78 -7.91 -11.83 -10.59
N SER B 79 -7.45 -10.69 -11.10
CA SER B 79 -7.88 -10.22 -12.42
C SER B 79 -7.41 -11.15 -13.53
N ASP B 80 -6.16 -11.60 -13.47
CA ASP B 80 -5.63 -12.54 -14.46
C ASP B 80 -6.46 -13.82 -14.49
N LEU B 81 -6.86 -14.31 -13.32
CA LEU B 81 -7.63 -15.54 -13.22
C LEU B 81 -9.10 -15.35 -13.56
N GLY B 82 -9.59 -14.12 -13.62
CA GLY B 82 -11.01 -13.89 -13.79
C GLY B 82 -11.81 -14.12 -12.52
N LEU B 83 -11.14 -14.10 -11.35
CA LEU B 83 -11.77 -14.50 -10.11
C LEU B 83 -12.89 -13.55 -9.70
N PHE B 84 -12.66 -12.24 -9.83
CA PHE B 84 -13.64 -11.29 -9.30
C PHE B 84 -14.89 -11.28 -10.16
N LYS B 85 -14.72 -11.34 -11.49
CA LYS B 85 -15.87 -11.43 -12.37
C LYS B 85 -16.66 -12.70 -12.10
N HIS B 86 -15.96 -13.82 -11.89
CA HIS B 86 -16.64 -15.08 -11.63
C HIS B 86 -17.40 -15.04 -10.31
N LEU B 87 -16.74 -14.59 -9.24
CA LEU B 87 -17.37 -14.57 -7.92
C LEU B 87 -18.54 -13.60 -7.88
N SER B 88 -18.45 -12.49 -8.60
CA SER B 88 -19.53 -11.52 -8.63
C SER B 88 -20.81 -12.06 -9.25
N GLN B 89 -20.72 -13.11 -10.08
CA GLN B 89 -21.92 -13.69 -10.67
C GLN B 89 -22.33 -15.01 -10.03
N CYS B 90 -21.65 -15.44 -8.97
CA CYS B 90 -22.03 -16.68 -8.28
C CYS B 90 -23.21 -16.42 -7.36
N ALA B 91 -24.13 -17.38 -7.33
CA ALA B 91 -25.35 -17.26 -6.55
C ALA B 91 -25.26 -17.96 -5.19
N SER B 92 -24.14 -18.60 -4.88
CA SER B 92 -23.95 -19.22 -3.58
C SER B 92 -22.48 -19.16 -3.22
N PRO B 93 -22.15 -19.32 -1.92
CA PRO B 93 -20.73 -19.35 -1.54
C PRO B 93 -19.99 -20.49 -2.25
N GLN B 94 -18.73 -20.24 -2.58
CA GLN B 94 -17.89 -21.19 -3.32
C GLN B 94 -16.70 -21.60 -2.45
N SER B 95 -16.36 -22.89 -2.46
CA SER B 95 -15.18 -23.31 -1.73
C SER B 95 -13.92 -22.94 -2.51
N ALA B 96 -12.77 -22.91 -1.80
CA ALA B 96 -11.52 -22.67 -2.51
C ALA B 96 -11.27 -23.76 -3.56
N GLU B 97 -11.63 -25.01 -3.24
CA GLU B 97 -11.45 -26.09 -4.21
C GLU B 97 -12.26 -25.83 -5.48
N GLU B 98 -13.52 -25.43 -5.32
CA GLU B 98 -14.37 -25.18 -6.48
C GLU B 98 -13.82 -24.04 -7.33
N LEU B 99 -13.38 -22.96 -6.68
CA LEU B 99 -12.80 -21.84 -7.40
C LEU B 99 -11.50 -22.23 -8.11
N ALA B 100 -10.63 -22.98 -7.43
CA ALA B 100 -9.38 -23.40 -8.05
C ALA B 100 -9.63 -24.21 -9.31
N ASP B 101 -10.54 -25.18 -9.24
CA ASP B 101 -10.80 -26.06 -10.37
C ASP B 101 -11.47 -25.30 -11.51
N HIS B 102 -12.37 -24.36 -11.19
CA HIS B 102 -13.05 -23.62 -12.24
C HIS B 102 -12.11 -22.66 -12.95
N LEU B 103 -11.20 -22.03 -12.20
CA LEU B 103 -10.34 -20.99 -12.75
C LEU B 103 -8.97 -21.50 -13.20
N GLY B 104 -8.65 -22.76 -12.93
CA GLY B 104 -7.37 -23.32 -13.35
C GLY B 104 -6.21 -22.86 -12.49
N CYS B 105 -6.38 -22.92 -11.18
CA CYS B 105 -5.37 -22.50 -10.22
C CYS B 105 -5.03 -23.69 -9.32
N GLY B 106 -3.77 -23.80 -8.92
CA GLY B 106 -3.42 -24.81 -7.92
C GLY B 106 -4.27 -24.64 -6.67
N ARG B 107 -4.67 -25.76 -6.07
CA ARG B 107 -5.65 -25.67 -4.97
C ARG B 107 -5.06 -25.00 -3.74
N GLU B 108 -3.80 -25.30 -3.38
CA GLU B 108 -3.22 -24.65 -2.21
C GLU B 108 -2.98 -23.18 -2.47
N LEU B 109 -2.47 -22.85 -3.65
CA LEU B 109 -2.29 -21.45 -4.04
C LEU B 109 -3.60 -20.68 -3.96
N MET B 110 -4.66 -21.26 -4.51
CA MET B 110 -5.96 -20.58 -4.49
C MET B 110 -6.43 -20.37 -3.06
N SER B 111 -6.28 -21.38 -2.21
CA SER B 111 -6.71 -21.23 -0.83
C SER B 111 -5.96 -20.13 -0.12
N ARG B 112 -4.63 -20.05 -0.33
CA ARG B 112 -3.86 -19.02 0.35
C ARG B 112 -4.18 -17.64 -0.19
N LEU B 113 -4.40 -17.52 -1.50
CA LEU B 113 -4.80 -16.24 -2.09
C LEU B 113 -6.15 -15.79 -1.55
N LEU B 114 -7.11 -16.70 -1.48
CA LEU B 114 -8.44 -16.32 -1.00
C LEU B 114 -8.42 -15.91 0.46
N ARG B 115 -7.63 -16.60 1.29
CA ARG B 115 -7.53 -16.21 2.69
C ARG B 115 -6.96 -14.80 2.82
N TYR B 116 -5.95 -14.48 2.02
CA TYR B 116 -5.40 -13.14 2.00
C TYR B 116 -6.45 -12.13 1.53
N MET B 117 -7.14 -12.44 0.43
CA MET B 117 -8.15 -11.52 -0.08
C MET B 117 -9.24 -11.26 0.95
N ALA B 118 -9.66 -12.30 1.67
CA ALA B 118 -10.73 -12.10 2.65
C ALA B 118 -10.25 -11.18 3.78
N SER B 119 -8.99 -11.28 4.16
CA SER B 119 -8.50 -10.47 5.27
C SER B 119 -8.40 -8.99 4.89
N VAL B 120 -8.39 -8.66 3.61
CA VAL B 120 -8.42 -7.26 3.18
C VAL B 120 -9.71 -6.92 2.44
N ARG B 121 -10.75 -7.75 2.63
CA ARG B 121 -12.10 -7.52 2.14
C ARG B 121 -12.20 -7.53 0.61
N MET B 122 -11.20 -8.09 -0.09
CA MET B 122 -11.30 -8.24 -1.54
C MET B 122 -12.33 -9.29 -1.93
N VAL B 123 -12.57 -10.26 -1.03
CA VAL B 123 -13.71 -11.17 -1.04
C VAL B 123 -14.21 -11.24 0.40
N GLN B 124 -15.30 -11.96 0.62
CA GLN B 124 -15.72 -12.28 1.98
C GLN B 124 -15.63 -13.77 2.23
N GLN B 125 -15.13 -14.15 3.42
CA GLN B 125 -15.05 -15.54 3.82
C GLN B 125 -16.20 -15.84 4.78
N THR B 126 -16.91 -16.94 4.52
CA THR B 126 -18.04 -17.30 5.35
C THR B 126 -17.60 -18.13 6.55
N ASP B 127 -18.56 -18.38 7.47
CA ASP B 127 -18.25 -19.13 8.68
C ASP B 127 -17.84 -20.57 8.39
N ASP B 128 -18.22 -21.15 7.25
CA ASP B 128 -17.76 -22.49 6.90
C ASP B 128 -16.64 -22.44 5.85
N ILE B 129 -15.90 -21.34 5.81
CA ILE B 129 -14.69 -21.18 5.01
C ILE B 129 -15.03 -21.37 3.53
N LYS B 130 -16.10 -20.75 3.08
CA LYS B 130 -16.36 -20.59 1.66
C LYS B 130 -16.30 -19.10 1.35
N TYR B 131 -16.49 -18.75 0.09
CA TYR B 131 -16.19 -17.38 -0.33
C TYR B 131 -17.32 -16.79 -1.17
N ILE B 132 -17.61 -15.51 -0.92
CA ILE B 132 -18.65 -14.76 -1.62
C ILE B 132 -18.07 -13.39 -1.98
N SER B 133 -18.78 -12.69 -2.87
CA SER B 133 -18.37 -11.34 -3.26
C SER B 133 -18.53 -10.36 -2.12
N SER B 134 -17.60 -9.43 -2.01
CA SER B 134 -17.73 -8.22 -1.21
C SER B 134 -17.94 -7.03 -2.12
N ASN B 135 -18.11 -5.83 -1.53
CA ASN B 135 -18.16 -4.62 -2.33
C ASN B 135 -16.92 -4.50 -3.21
N ILE B 136 -15.77 -4.90 -2.69
CA ILE B 136 -14.53 -4.76 -3.47
C ILE B 136 -14.50 -5.78 -4.60
N THR B 137 -15.04 -6.99 -4.38
CA THR B 137 -15.12 -7.94 -5.48
C THR B 137 -15.88 -7.34 -6.65
N GLN B 138 -17.03 -6.73 -6.36
CA GLN B 138 -17.87 -6.18 -7.41
C GLN B 138 -17.15 -5.05 -8.14
N THR B 139 -16.42 -4.22 -7.38
CA THR B 139 -15.63 -3.15 -7.96
C THR B 139 -14.59 -3.67 -8.93
N LEU B 140 -13.82 -4.68 -8.51
CA LEU B 140 -12.77 -5.21 -9.37
C LEU B 140 -13.32 -6.00 -10.54
N ALA B 141 -14.62 -6.30 -10.56
CA ALA B 141 -15.23 -6.96 -11.70
C ALA B 141 -15.72 -5.97 -12.76
N VAL B 142 -15.79 -4.68 -12.46
CA VAL B 142 -16.18 -3.65 -13.42
C VAL B 142 -15.01 -3.36 -14.34
N PRO B 143 -15.15 -3.49 -15.67
CA PRO B 143 -13.96 -3.39 -16.54
C PRO B 143 -13.15 -2.12 -16.36
N GLY B 144 -13.80 -0.94 -16.29
CA GLY B 144 -13.04 0.29 -16.17
C GLY B 144 -12.29 0.40 -14.85
N LEU B 145 -12.88 -0.09 -13.76
CA LEU B 145 -12.21 -0.04 -12.46
C LEU B 145 -11.11 -1.09 -12.38
N GLU B 146 -11.37 -2.30 -12.89
CA GLU B 146 -10.32 -3.30 -13.02
C GLU B 146 -9.12 -2.74 -13.79
N ALA B 147 -9.40 -1.99 -14.88
CA ALA B 147 -8.31 -1.43 -15.66
C ALA B 147 -7.50 -0.42 -14.87
N GLY B 148 -8.15 0.33 -13.98
CA GLY B 148 -7.40 1.26 -13.14
C GLY B 148 -6.44 0.53 -12.22
N MET B 149 -6.89 -0.60 -11.65
CA MET B 149 -6.01 -1.40 -10.82
C MET B 149 -4.85 -1.98 -11.63
N ARG B 150 -5.14 -2.49 -12.83
CA ARG B 150 -4.07 -3.05 -13.66
C ARG B 150 -3.07 -1.97 -14.07
N HIS B 151 -3.57 -0.76 -14.34
CA HIS B 151 -2.69 0.38 -14.62
C HIS B 151 -1.76 0.68 -13.46
N ALA B 152 -2.29 0.66 -12.23
CA ALA B 152 -1.44 0.89 -11.07
C ALA B 152 -0.32 -0.12 -11.01
N PHE B 153 -0.64 -1.39 -11.28
CA PHE B 153 0.38 -2.43 -11.21
C PHE B 153 1.42 -2.28 -12.30
N GLU B 154 1.00 -2.12 -13.55
CA GLU B 154 1.96 -2.23 -14.65
C GLU B 154 2.64 -0.92 -15.00
N ASN B 155 2.00 0.23 -14.72
CA ASN B 155 2.56 1.54 -15.05
C ASN B 155 3.01 2.34 -13.84
N LEU B 156 2.22 2.39 -12.76
CA LEU B 156 2.64 3.21 -11.63
C LEU B 156 3.73 2.53 -10.79
N TRP B 157 3.58 1.24 -10.51
CA TRP B 157 4.53 0.57 -9.62
CA TRP B 157 4.53 0.60 -9.60
C TRP B 157 5.96 0.66 -10.13
N PRO B 158 6.27 0.38 -11.40
CA PRO B 158 7.67 0.47 -11.82
C PRO B 158 8.25 1.87 -11.68
N VAL B 159 7.44 2.91 -11.89
CA VAL B 159 7.96 4.26 -11.78
C VAL B 159 8.23 4.62 -10.32
N LEU B 160 7.35 4.18 -9.41
CA LEU B 160 7.59 4.42 -7.99
C LEU B 160 8.78 3.64 -7.49
N MET B 161 8.98 2.43 -8.01
N MET B 161 8.97 2.42 -7.99
CA MET B 161 10.14 1.63 -7.60
CA MET B 161 10.14 1.64 -7.60
C MET B 161 11.44 2.25 -8.07
C MET B 161 11.43 2.32 -8.04
N ALA B 162 11.42 3.00 -9.18
CA ALA B 162 12.61 3.63 -9.71
C ALA B 162 12.89 5.01 -9.11
N LEU B 163 11.88 5.63 -8.51
CA LEU B 163 12.03 7.03 -8.10
C LEU B 163 13.12 7.24 -7.04
N PRO B 164 13.20 6.45 -5.96
CA PRO B 164 14.23 6.76 -4.94
C PRO B 164 15.65 6.76 -5.49
N ASP B 165 16.03 5.75 -6.27
CA ASP B 165 17.38 5.71 -6.80
C ASP B 165 17.58 6.72 -7.93
N PHE B 166 16.53 7.03 -8.69
CA PHE B 166 16.63 8.11 -9.67
C PHE B 166 16.98 9.43 -9.00
N LEU B 167 16.27 9.77 -7.90
CA LEU B 167 16.56 11.02 -7.20
C LEU B 167 17.92 11.00 -6.53
N ALA B 168 18.31 9.85 -5.97
CA ALA B 168 19.61 9.76 -5.32
C ALA B 168 20.74 9.99 -6.30
N GLU B 169 20.70 9.31 -7.45
CA GLU B 169 21.79 9.43 -8.40
C GLU B 169 21.86 10.81 -9.03
N ARG B 170 20.75 11.54 -9.07
CA ARG B 170 20.72 12.88 -9.64
C ARG B 170 20.77 13.98 -8.59
N LYS B 171 21.04 13.64 -7.33
CA LYS B 171 21.21 14.62 -6.26
C LYS B 171 19.95 15.47 -6.07
N TYR B 172 18.78 14.82 -6.13
CA TYR B 172 17.50 15.38 -5.73
C TYR B 172 17.15 16.65 -6.49
N PRO B 173 17.02 16.58 -7.81
CA PRO B 173 16.62 17.75 -8.58
C PRO B 173 15.11 17.97 -8.52
N ASP B 174 14.72 19.21 -8.79
CA ASP B 174 13.31 19.44 -9.10
C ASP B 174 12.99 18.79 -10.45
N ILE B 175 11.98 17.93 -10.47
CA ILE B 175 11.57 17.29 -11.72
C ILE B 175 10.66 18.26 -12.47
N VAL B 176 10.99 18.56 -13.72
CA VAL B 176 10.29 19.61 -14.45
C VAL B 176 10.01 19.21 -15.89
N ASP B 177 10.53 18.07 -16.34
CA ASP B 177 10.53 17.72 -17.76
C ASP B 177 10.03 16.30 -17.93
N ALA B 178 9.06 16.11 -18.84
CA ALA B 178 8.51 14.78 -19.06
C ALA B 178 9.54 13.80 -19.61
N LYS B 179 10.58 14.30 -20.28
CA LYS B 179 11.60 13.43 -20.82
C LYS B 179 12.74 13.14 -19.85
N ASP B 180 12.66 13.63 -18.60
CA ASP B 180 13.72 13.44 -17.62
C ASP B 180 13.10 13.26 -16.23
N THR B 181 12.47 12.11 -16.02
CA THR B 181 11.94 11.77 -14.71
C THR B 181 12.15 10.28 -14.50
N ALA B 182 11.47 9.71 -13.50
CA ALA B 182 11.74 8.34 -13.12
C ALA B 182 11.31 7.36 -14.19
N PHE B 183 10.35 7.75 -15.04
CA PHE B 183 9.85 6.87 -16.08
C PHE B 183 10.98 6.32 -16.95
N GLN B 184 11.88 7.21 -17.37
CA GLN B 184 12.96 6.79 -18.27
C GLN B 184 13.82 5.69 -17.64
N LYS B 185 14.09 5.78 -16.34
CA LYS B 185 14.86 4.72 -15.68
C LYS B 185 14.04 3.45 -15.54
N ALA B 186 12.75 3.59 -15.21
CA ALA B 186 11.91 2.42 -14.95
C ALA B 186 11.74 1.56 -16.19
N PHE B 187 11.60 2.18 -17.37
CA PHE B 187 11.33 1.44 -18.59
C PHE B 187 12.49 1.48 -19.57
N ASN B 188 13.66 1.96 -19.14
CA ASN B 188 14.90 1.89 -19.92
C ASN B 188 14.70 2.46 -21.32
N THR B 189 14.20 3.70 -21.37
CA THR B 189 13.91 4.35 -22.64
C THR B 189 14.19 5.84 -22.49
N ASP B 190 14.45 6.50 -23.62
CA ASP B 190 14.58 7.95 -23.64
C ASP B 190 13.29 8.64 -24.04
N GLN B 191 12.25 7.89 -24.36
CA GLN B 191 10.97 8.46 -24.74
C GLN B 191 10.26 9.01 -23.52
N ASP B 192 9.39 9.99 -23.74
CA ASP B 192 8.52 10.30 -22.61
C ASP B 192 7.40 9.24 -22.53
N CYS B 193 6.69 9.27 -21.39
CA CYS B 193 5.75 8.21 -21.06
C CYS B 193 4.66 8.05 -22.13
N PHE B 194 4.00 9.15 -22.50
CA PHE B 194 2.88 9.01 -23.44
C PHE B 194 3.35 8.49 -24.80
N HIS B 195 4.52 8.95 -25.27
CA HIS B 195 5.05 8.47 -26.55
C HIS B 195 5.38 6.98 -26.48
N TRP B 196 6.01 6.55 -25.39
CA TRP B 196 6.35 5.14 -25.22
C TRP B 196 5.10 4.26 -25.14
N LEU B 197 4.10 4.70 -24.35
CA LEU B 197 2.90 3.88 -24.20
C LEU B 197 2.22 3.63 -25.52
N ALA B 198 2.23 4.63 -26.41
CA ALA B 198 1.58 4.46 -27.70
C ALA B 198 2.26 3.42 -28.57
N THR B 199 3.43 2.91 -28.17
CA THR B 199 4.09 1.81 -28.88
C THR B 199 3.81 0.45 -28.27
N GLN B 200 3.02 0.39 -27.19
CA GLN B 200 2.84 -0.84 -26.42
C GLN B 200 1.39 -1.29 -26.49
N PRO B 201 1.05 -2.21 -27.41
CA PRO B 201 -0.38 -2.53 -27.66
C PRO B 201 -1.17 -2.99 -26.44
N THR B 202 -0.57 -3.83 -25.58
CA THR B 202 -1.31 -4.34 -24.43
C THR B 202 -1.65 -3.22 -23.45
N ARG B 203 -0.74 -2.27 -23.29
CA ARG B 203 -1.00 -1.15 -22.38
C ARG B 203 -2.02 -0.20 -22.98
N ILE B 204 -1.95 0.02 -24.30
CA ILE B 204 -2.97 0.83 -24.95
C ILE B 204 -4.35 0.22 -24.76
N ALA B 205 -4.45 -1.10 -24.88
CA ALA B 205 -5.75 -1.75 -24.75
C ALA B 205 -6.33 -1.54 -23.36
N ASN B 206 -5.46 -1.53 -22.33
CA ASN B 206 -5.95 -1.29 -20.97
C ASN B 206 -6.45 0.14 -20.81
N PHE B 207 -5.75 1.11 -21.41
CA PHE B 207 -6.19 2.50 -21.32
C PHE B 207 -7.55 2.68 -21.98
N LYS B 208 -7.80 1.98 -23.10
CA LYS B 208 -9.11 2.07 -23.73
C LYS B 208 -10.22 1.62 -22.80
N VAL B 209 -9.98 0.57 -22.01
CA VAL B 209 -11.02 0.13 -21.07
C VAL B 209 -11.15 1.13 -19.94
N LEU B 210 -10.02 1.68 -19.48
CA LEU B 210 -10.02 2.66 -18.41
C LEU B 210 -10.90 3.85 -18.75
N LEU B 211 -10.93 4.28 -20.02
CA LEU B 211 -11.75 5.43 -20.43
C LEU B 211 -13.24 5.17 -20.27
N THR B 212 -13.67 3.92 -20.12
CA THR B 212 -15.10 3.68 -19.95
C THR B 212 -15.59 4.02 -18.54
N ASP B 213 -14.71 4.23 -17.57
CA ASP B 213 -15.15 4.64 -16.24
C ASP B 213 -15.58 6.10 -16.25
N GLU B 214 -16.76 6.39 -15.72
CA GLU B 214 -17.24 7.77 -15.62
C GLU B 214 -17.22 8.20 -14.17
N ARG B 215 -16.52 9.29 -13.88
CA ARG B 215 -16.47 9.78 -12.51
C ARG B 215 -17.78 10.46 -12.13
N THR B 216 -18.17 10.30 -10.87
CA THR B 216 -19.35 10.96 -10.32
C THR B 216 -19.00 11.58 -8.97
N PRO B 217 -19.51 12.78 -8.65
CA PRO B 217 -20.39 13.64 -9.47
C PRO B 217 -19.57 14.32 -10.55
N ASN B 218 -20.23 15.10 -11.38
CA ASN B 218 -19.51 15.84 -12.41
C ASN B 218 -19.83 17.32 -12.28
N PHE B 219 -19.12 18.11 -13.08
CA PHE B 219 -19.17 19.57 -12.94
C PHE B 219 -20.57 20.14 -13.18
N LEU B 220 -21.43 19.44 -13.92
CA LEU B 220 -22.76 19.97 -14.17
C LEU B 220 -23.63 20.02 -12.92
N SER B 221 -23.21 19.39 -11.82
CA SER B 221 -23.99 19.47 -10.59
C SER B 221 -23.94 20.87 -9.98
N THR B 222 -22.88 21.64 -10.24
CA THR B 222 -22.77 22.99 -9.68
C THR B 222 -22.51 24.07 -10.72
N PHE B 223 -22.33 23.73 -11.98
CA PHE B 223 -21.99 24.72 -13.00
C PHE B 223 -23.23 25.50 -13.40
N PRO B 224 -23.26 26.82 -13.19
CA PRO B 224 -24.44 27.64 -13.53
C PRO B 224 -24.45 27.99 -15.01
N LEU B 225 -24.88 27.02 -15.82
CA LEU B 225 -24.76 27.16 -17.28
C LEU B 225 -25.52 28.38 -17.77
N GLU B 226 -26.77 28.54 -17.34
CA GLU B 226 -27.59 29.67 -17.75
C GLU B 226 -26.92 31.00 -17.45
N LYS B 227 -26.35 31.14 -16.24
CA LYS B 227 -25.70 32.38 -15.87
C LYS B 227 -24.46 32.64 -16.72
N GLU B 228 -23.65 31.59 -16.94
CA GLU B 228 -22.44 31.73 -17.74
C GLU B 228 -22.75 31.99 -19.20
N LEU B 229 -23.87 31.49 -19.71
CA LEU B 229 -24.24 31.79 -21.09
C LEU B 229 -24.66 33.25 -21.25
N GLY B 230 -25.43 33.77 -20.31
CA GLY B 230 -26.00 35.09 -20.48
C GLY B 230 -26.82 35.12 -21.74
N SER B 231 -26.62 36.18 -22.53
CA SER B 231 -27.32 36.37 -23.79
C SER B 231 -26.58 35.76 -24.98
N TRP B 232 -25.64 34.84 -24.73
CA TRP B 232 -24.93 34.18 -25.83
C TRP B 232 -25.94 33.59 -26.81
N SER B 233 -25.59 33.64 -28.08
CA SER B 233 -26.48 33.21 -29.14
C SER B 233 -25.69 32.32 -30.09
N ALA B 234 -26.32 31.24 -30.55
CA ALA B 234 -25.66 30.28 -31.42
C ALA B 234 -25.87 30.58 -32.90
N GLU B 235 -26.55 31.69 -33.24
CA GLU B 235 -27.13 31.94 -34.58
C GLU B 235 -26.32 31.43 -35.76
N PRO B 236 -25.00 31.68 -35.88
CA PRO B 236 -24.29 31.20 -37.07
C PRO B 236 -23.57 29.86 -36.89
N GLU B 237 -24.32 28.79 -36.66
CA GLU B 237 -23.77 27.42 -36.56
C GLU B 237 -22.60 27.34 -35.58
N LYS B 238 -22.69 28.06 -34.47
CA LYS B 238 -21.58 28.08 -33.53
C LYS B 238 -21.70 26.95 -32.52
N ALA B 239 -20.58 26.66 -31.87
CA ALA B 239 -20.46 25.56 -30.93
C ALA B 239 -20.71 26.07 -29.51
N LEU B 240 -21.59 25.37 -28.79
CA LEU B 240 -21.76 25.64 -27.37
C LEU B 240 -20.62 25.04 -26.55
N PHE B 241 -20.15 23.86 -26.91
CA PHE B 241 -19.28 23.07 -26.03
C PHE B 241 -18.34 22.25 -26.90
N VAL B 242 -17.03 22.46 -26.70
CA VAL B 242 -16.01 21.68 -27.39
C VAL B 242 -15.22 20.92 -26.33
N ASP B 243 -15.35 19.59 -26.32
CA ASP B 243 -14.78 18.72 -25.30
C ASP B 243 -13.43 18.23 -25.80
N ILE B 244 -12.35 18.90 -25.36
CA ILE B 244 -11.02 18.68 -25.91
C ILE B 244 -10.36 17.52 -25.17
N GLY B 245 -10.03 16.46 -25.90
CA GLY B 245 -9.61 15.22 -25.25
C GLY B 245 -10.75 14.62 -24.44
N GLY B 246 -11.96 14.62 -24.97
CA GLY B 246 -13.12 14.19 -24.21
C GLY B 246 -13.30 12.70 -24.05
N GLY B 247 -12.41 11.88 -24.60
CA GLY B 247 -12.48 10.45 -24.37
C GLY B 247 -13.76 9.87 -24.93
N MET B 248 -14.51 9.14 -24.10
CA MET B 248 -15.79 8.57 -24.51
C MET B 248 -16.88 9.61 -24.63
N GLY B 249 -16.61 10.87 -24.28
CA GLY B 249 -17.60 11.92 -24.45
C GLY B 249 -18.59 12.04 -23.31
N HIS B 250 -18.23 11.56 -22.12
CA HIS B 250 -19.17 11.57 -21.00
C HIS B 250 -19.65 12.98 -20.70
N ALA B 251 -18.77 13.98 -20.80
CA ALA B 251 -19.21 15.34 -20.52
C ALA B 251 -20.21 15.83 -21.56
N CYS B 252 -20.00 15.50 -22.84
CA CYS B 252 -20.96 15.87 -23.87
C CYS B 252 -22.31 15.20 -23.64
N ILE B 253 -22.30 13.92 -23.29
CA ILE B 253 -23.54 13.18 -23.06
C ILE B 253 -24.30 13.80 -21.90
N ARG B 254 -23.61 14.05 -20.78
CA ARG B 254 -24.29 14.60 -19.61
C ARG B 254 -24.82 16.00 -19.90
N LEU B 255 -24.08 16.79 -20.68
CA LEU B 255 -24.54 18.15 -21.02
C LEU B 255 -25.83 18.10 -21.82
N ARG B 256 -25.86 17.27 -22.87
CA ARG B 256 -27.08 17.13 -23.67
C ARG B 256 -28.23 16.56 -22.85
N GLU B 257 -27.95 15.68 -21.88
CA GLU B 257 -29.01 15.09 -21.08
C GLU B 257 -29.62 16.11 -20.13
N LYS B 258 -28.80 17.02 -19.58
CA LYS B 258 -29.27 17.98 -18.59
C LYS B 258 -29.87 19.21 -19.23
N TYR B 259 -29.39 19.60 -20.42
CA TYR B 259 -29.86 20.79 -21.13
C TYR B 259 -30.25 20.42 -22.54
N PRO B 260 -31.29 19.59 -22.71
CA PRO B 260 -31.59 19.06 -24.05
C PRO B 260 -32.09 20.11 -25.04
N ASN B 261 -32.55 21.27 -24.57
CA ASN B 261 -33.09 22.28 -25.46
C ASN B 261 -32.16 23.46 -25.69
N GLN B 262 -30.98 23.45 -25.10
CA GLN B 262 -30.05 24.55 -25.29
C GLN B 262 -29.43 24.47 -26.69
N PRO B 263 -29.55 25.49 -27.52
CA PRO B 263 -28.96 25.41 -28.87
C PRO B 263 -27.44 25.55 -28.83
N GLY B 264 -26.84 25.15 -29.93
CA GLY B 264 -25.40 25.20 -30.06
C GLY B 264 -24.82 23.82 -30.29
N ARG B 265 -23.80 23.74 -31.12
CA ARG B 265 -23.17 22.45 -31.38
C ARG B 265 -22.44 21.95 -30.14
N VAL B 266 -22.42 20.64 -29.97
CA VAL B 266 -21.69 19.96 -28.88
C VAL B 266 -20.72 19.00 -29.55
N ILE B 267 -19.42 19.22 -29.35
CA ILE B 267 -18.38 18.57 -30.16
C ILE B 267 -17.42 17.82 -29.26
N LEU B 268 -17.22 16.54 -29.56
CA LEU B 268 -16.26 15.68 -28.88
C LEU B 268 -14.99 15.63 -29.72
N GLN B 269 -13.86 16.10 -29.17
CA GLN B 269 -12.58 16.05 -29.86
C GLN B 269 -11.64 15.08 -29.17
N ASP B 270 -11.07 14.15 -29.94
CA ASP B 270 -10.08 13.22 -29.43
C ASP B 270 -9.36 12.60 -30.63
N LEU B 271 -8.47 11.65 -30.36
CA LEU B 271 -7.77 11.02 -31.45
C LEU B 271 -8.65 9.92 -32.08
N PRO B 272 -8.44 9.62 -33.36
CA PRO B 272 -9.39 8.75 -34.10
C PRO B 272 -9.70 7.43 -33.39
N PRO B 273 -8.72 6.70 -32.83
CA PRO B 273 -9.07 5.40 -32.25
C PRO B 273 -9.96 5.51 -31.02
N VAL B 274 -9.87 6.62 -30.28
CA VAL B 274 -10.74 6.84 -29.15
C VAL B 274 -12.14 7.23 -29.61
N LEU B 275 -12.23 8.10 -30.63
CA LEU B 275 -13.54 8.44 -31.18
C LEU B 275 -14.24 7.20 -31.73
N GLN B 276 -13.47 6.29 -32.33
CA GLN B 276 -14.07 5.06 -32.82
C GLN B 276 -14.67 4.26 -31.68
N ALA B 277 -13.93 4.12 -30.58
CA ALA B 277 -14.44 3.38 -29.44
C ALA B 277 -15.65 4.07 -28.81
N ALA B 278 -15.73 5.40 -28.92
CA ALA B 278 -16.84 6.14 -28.34
C ALA B 278 -18.15 5.96 -29.09
N GLN B 279 -18.09 5.62 -30.39
CA GLN B 279 -19.29 5.67 -31.23
C GLN B 279 -20.41 4.79 -30.67
N ALA B 280 -20.06 3.63 -30.11
CA ALA B 280 -21.10 2.68 -29.71
C ALA B 280 -22.02 3.24 -28.64
N THR B 281 -21.51 4.13 -27.79
CA THR B 281 -22.29 4.62 -26.66
C THR B 281 -22.71 6.08 -26.79
N LEU B 282 -22.33 6.75 -27.87
CA LEU B 282 -22.80 8.12 -28.09
C LEU B 282 -24.25 8.13 -28.58
N PRO B 283 -25.00 9.17 -28.26
CA PRO B 283 -26.32 9.35 -28.89
C PRO B 283 -26.18 9.38 -30.41
N LEU B 284 -27.26 9.00 -31.09
CA LEU B 284 -27.18 8.96 -32.55
C LEU B 284 -27.23 10.35 -33.17
N SER B 285 -27.69 11.36 -32.43
CA SER B 285 -27.63 12.74 -32.90
C SER B 285 -27.36 13.66 -31.72
N GLY B 286 -26.88 14.86 -32.04
CA GLY B 286 -26.68 15.90 -31.06
C GLY B 286 -25.24 16.09 -30.61
N ILE B 287 -24.37 15.12 -30.84
CA ILE B 287 -22.96 15.22 -30.45
C ILE B 287 -22.10 14.87 -31.65
N GLU B 288 -21.28 15.81 -32.10
CA GLU B 288 -20.38 15.58 -33.23
C GLU B 288 -19.07 14.99 -32.75
N SER B 289 -18.52 14.04 -33.52
CA SER B 289 -17.22 13.45 -33.24
C SER B 289 -16.21 14.05 -34.19
N MET B 290 -15.19 14.71 -33.66
CA MET B 290 -14.26 15.48 -34.49
C MET B 290 -12.83 15.10 -34.14
N PRO B 291 -12.13 14.36 -35.00
CA PRO B 291 -10.73 14.04 -34.69
C PRO B 291 -9.90 15.30 -34.60
N HIS B 292 -9.15 15.42 -33.51
CA HIS B 292 -8.31 16.59 -33.30
C HIS B 292 -7.25 16.28 -32.26
N ASN B 293 -6.00 16.62 -32.59
CA ASN B 293 -4.87 16.50 -31.70
C ASN B 293 -4.72 17.81 -30.93
N PHE B 294 -4.81 17.78 -29.59
CA PHE B 294 -4.80 19.05 -28.88
C PHE B 294 -3.40 19.68 -28.79
N HIS B 295 -2.36 19.08 -29.38
CA HIS B 295 -1.09 19.74 -29.57
C HIS B 295 -1.04 20.55 -30.88
N THR B 296 -2.17 20.75 -31.54
CA THR B 296 -2.27 21.48 -32.79
C THR B 296 -3.37 22.54 -32.69
N PRO B 297 -3.32 23.57 -33.55
CA PRO B 297 -4.29 24.68 -33.46
C PRO B 297 -5.74 24.21 -33.45
N GLN B 298 -6.53 24.79 -32.55
CA GLN B 298 -7.95 24.44 -32.40
C GLN B 298 -8.75 24.84 -33.63
N PRO B 299 -9.45 23.90 -34.29
CA PRO B 299 -10.18 24.25 -35.52
C PRO B 299 -11.51 24.97 -35.30
N VAL B 300 -12.19 24.75 -34.17
CA VAL B 300 -13.51 25.33 -33.95
C VAL B 300 -13.37 26.75 -33.41
N GLN B 301 -13.87 27.73 -34.17
CA GLN B 301 -13.69 29.15 -33.87
C GLN B 301 -14.88 29.72 -33.11
N GLY B 302 -14.59 30.52 -32.08
CA GLY B 302 -15.62 31.24 -31.37
C GLY B 302 -16.63 30.39 -30.61
N ALA B 303 -16.24 29.20 -30.15
CA ALA B 303 -17.14 28.41 -29.31
C ALA B 303 -17.37 29.10 -27.98
N LYS B 304 -18.52 28.82 -27.35
CA LYS B 304 -18.75 29.39 -26.02
C LYS B 304 -17.81 28.77 -24.98
N PHE B 305 -17.74 27.43 -24.92
CA PHE B 305 -16.92 26.74 -23.92
C PHE B 305 -15.96 25.79 -24.63
N TYR B 306 -14.66 25.99 -24.41
CA TYR B 306 -13.63 25.00 -24.70
C TYR B 306 -13.27 24.30 -23.40
N PHE B 307 -13.53 23.00 -23.34
CA PHE B 307 -13.58 22.25 -22.09
C PHE B 307 -12.40 21.29 -22.02
N LEU B 308 -11.60 21.39 -20.95
CA LEU B 308 -10.42 20.54 -20.73
C LEU B 308 -10.54 19.85 -19.38
N ARG B 309 -10.99 18.59 -19.37
CA ARG B 309 -11.19 17.89 -18.10
C ARG B 309 -10.07 16.86 -17.90
N LEU B 310 -9.31 17.02 -16.81
CA LEU B 310 -8.23 16.09 -16.45
C LEU B 310 -7.24 15.92 -17.60
N ILE B 311 -6.98 17.00 -18.31
CA ILE B 311 -6.01 16.98 -19.39
C ILE B 311 -4.71 17.60 -18.89
N LEU B 312 -4.79 18.84 -18.39
CA LEU B 312 -3.58 19.60 -18.16
C LEU B 312 -2.77 19.09 -16.98
N ARG B 313 -3.39 18.35 -16.05
CA ARG B 313 -2.60 17.80 -14.97
C ARG B 313 -1.55 16.80 -15.47
N ASP B 314 -1.70 16.28 -16.69
CA ASP B 314 -0.75 15.29 -17.21
C ASP B 314 0.46 15.91 -17.87
N PHE B 315 0.60 17.24 -17.84
CA PHE B 315 1.65 17.93 -18.58
C PHE B 315 2.37 18.93 -17.68
N PRO B 316 3.70 19.00 -17.79
CA PRO B 316 4.42 20.12 -17.17
C PRO B 316 3.96 21.45 -17.73
N ASP B 317 4.34 22.53 -17.05
CA ASP B 317 3.89 23.88 -17.42
C ASP B 317 4.14 24.20 -18.90
N HIS B 318 5.33 23.90 -19.40
CA HIS B 318 5.64 24.27 -20.78
C HIS B 318 4.67 23.62 -21.75
N GLN B 319 4.41 22.33 -21.58
CA GLN B 319 3.48 21.64 -22.48
C GLN B 319 2.02 22.00 -22.19
N ALA B 320 1.64 22.17 -20.92
CA ALA B 320 0.27 22.62 -20.63
C ALA B 320 0.02 23.99 -21.25
N LEU B 321 1.02 24.88 -21.17
CA LEU B 321 0.86 26.21 -21.76
C LEU B 321 0.69 26.12 -23.27
N GLU B 322 1.42 25.23 -23.93
CA GLU B 322 1.28 25.07 -25.38
C GLU B 322 -0.12 24.57 -25.75
N ILE B 323 -0.69 23.69 -24.94
CA ILE B 323 -2.06 23.24 -25.20
C ILE B 323 -3.02 24.41 -25.14
N LEU B 324 -2.88 25.27 -24.13
CA LEU B 324 -3.74 26.45 -24.03
C LEU B 324 -3.48 27.42 -25.17
N GLN B 325 -2.21 27.60 -25.55
CA GLN B 325 -1.90 28.54 -26.62
C GLN B 325 -2.43 28.08 -27.97
N ASN B 326 -2.71 26.78 -28.13
CA ASN B 326 -3.36 26.32 -29.35
C ASN B 326 -4.86 26.64 -29.39
N ILE B 327 -5.47 26.95 -28.26
CA ILE B 327 -6.89 27.26 -28.21
C ILE B 327 -7.15 28.75 -28.29
N VAL B 328 -6.34 29.55 -27.59
CA VAL B 328 -6.61 30.98 -27.42
C VAL B 328 -6.83 31.73 -28.74
N PRO B 329 -6.08 31.45 -29.82
CA PRO B 329 -6.36 32.17 -31.08
C PRO B 329 -7.74 31.89 -31.65
N ALA B 330 -8.41 30.81 -31.25
CA ALA B 330 -9.74 30.51 -31.73
C ALA B 330 -10.84 31.22 -30.94
N MET B 331 -10.50 31.84 -29.81
CA MET B 331 -11.48 32.44 -28.93
C MET B 331 -11.92 33.81 -29.41
N ASP B 332 -13.21 34.11 -29.22
CA ASP B 332 -13.65 35.49 -29.31
C ASP B 332 -13.94 36.00 -27.89
N ALA B 333 -14.48 37.21 -27.80
CA ALA B 333 -14.66 37.84 -26.49
C ALA B 333 -15.61 37.04 -25.60
N GLU B 334 -16.57 36.33 -26.19
CA GLU B 334 -17.52 35.56 -25.40
C GLU B 334 -17.02 34.16 -25.06
N SER B 335 -15.98 33.68 -25.75
CA SER B 335 -15.46 32.34 -25.50
C SER B 335 -14.87 32.22 -24.09
N ARG B 336 -14.97 31.01 -23.53
CA ARG B 336 -14.32 30.69 -22.27
C ARG B 336 -13.58 29.37 -22.40
N ILE B 337 -12.42 29.26 -21.76
CA ILE B 337 -11.77 27.97 -21.57
C ILE B 337 -12.15 27.50 -20.17
N VAL B 338 -12.69 26.28 -20.09
CA VAL B 338 -13.11 25.69 -18.83
C VAL B 338 -12.14 24.57 -18.52
N ILE B 339 -11.34 24.76 -17.47
CA ILE B 339 -10.42 23.73 -16.99
C ILE B 339 -11.11 23.03 -15.82
N ASP B 340 -11.39 21.75 -16.01
CA ASP B 340 -12.04 20.90 -14.99
C ASP B 340 -10.96 19.96 -14.48
N ASP B 341 -10.50 20.19 -13.26
CA ASP B 341 -9.32 19.47 -12.80
C ASP B 341 -9.24 19.61 -11.29
N GLY B 342 -8.20 19.01 -10.71
CA GLY B 342 -8.04 19.06 -9.27
C GLY B 342 -7.49 20.42 -8.85
N VAL B 343 -8.01 20.92 -7.73
CA VAL B 343 -7.54 22.19 -7.16
C VAL B 343 -7.17 21.96 -5.70
N PRO B 344 -5.99 21.41 -5.42
CA PRO B 344 -5.62 21.16 -4.03
C PRO B 344 -5.49 22.48 -3.27
N PRO B 345 -5.71 22.44 -1.96
CA PRO B 345 -5.58 23.66 -1.16
C PRO B 345 -4.12 24.05 -0.97
N GLU B 346 -3.94 25.26 -0.44
CA GLU B 346 -2.59 25.74 -0.14
C GLU B 346 -1.95 24.98 1.01
N LYS B 347 -2.75 24.43 1.93
CA LYS B 347 -2.25 23.63 3.04
C LYS B 347 -3.31 22.58 3.40
N GLY B 348 -2.87 21.56 4.12
CA GLY B 348 -3.77 20.49 4.53
C GLY B 348 -4.30 19.64 3.40
N ALA B 349 -3.53 19.50 2.32
CA ALA B 349 -3.99 18.68 1.20
C ALA B 349 -4.07 17.22 1.64
N ARG B 350 -4.97 16.48 1.00
CA ARG B 350 -5.24 15.10 1.40
C ARG B 350 -4.48 14.09 0.54
N TRP B 351 -4.46 12.85 1.03
CA TRP B 351 -3.60 11.83 0.42
C TRP B 351 -3.92 11.60 -1.05
N ALA B 352 -5.19 11.73 -1.45
CA ALA B 352 -5.51 11.48 -2.85
C ALA B 352 -4.90 12.53 -3.77
N GLU B 353 -4.78 13.77 -3.29
CA GLU B 353 -4.22 14.85 -4.10
C GLU B 353 -2.69 14.80 -4.11
N THR B 354 -2.10 14.64 -2.94
CA THR B 354 -0.64 14.63 -2.89
C THR B 354 -0.08 13.34 -3.46
N GLY B 355 -0.76 12.21 -3.22
CA GLY B 355 -0.31 10.97 -3.82
C GLY B 355 -0.35 11.02 -5.34
N THR B 356 -1.41 11.60 -5.89
CA THR B 356 -1.47 11.78 -7.33
C THR B 356 -0.33 12.66 -7.80
N ASP B 357 -0.04 13.73 -7.05
CA ASP B 357 1.04 14.65 -7.40
C ASP B 357 2.38 13.92 -7.53
N ILE B 358 2.69 13.04 -6.57
CA ILE B 358 3.97 12.34 -6.59
C ILE B 358 4.02 11.33 -7.73
N CYS B 359 2.91 10.65 -8.00
CA CYS B 359 2.88 9.68 -9.09
C CYS B 359 3.05 10.36 -10.45
N ILE B 360 2.31 11.45 -10.70
CA ILE B 360 2.43 12.05 -12.03
C ILE B 360 3.75 12.81 -12.16
N MET B 361 4.34 13.26 -11.05
CA MET B 361 5.71 13.76 -11.12
C MET B 361 6.65 12.69 -11.65
N SER B 362 6.53 11.48 -11.12
CA SER B 362 7.47 10.41 -11.39
C SER B 362 7.27 9.82 -12.80
N ALA B 363 6.03 9.74 -13.26
CA ALA B 363 5.76 9.19 -14.58
C ALA B 363 5.79 10.24 -15.68
N LEU B 364 5.22 11.41 -15.41
CA LEU B 364 4.92 12.37 -16.47
C LEU B 364 5.68 13.68 -16.34
N GLY B 365 6.38 13.90 -15.22
CA GLY B 365 7.00 15.19 -14.97
C GLY B 365 6.05 16.32 -14.63
N SER B 366 4.77 16.02 -14.39
CA SER B 366 3.76 17.05 -14.20
C SER B 366 3.47 17.24 -12.71
N LYS B 367 2.32 17.85 -12.37
CA LYS B 367 2.05 18.19 -10.99
C LYS B 367 0.58 18.54 -10.82
N GLU B 368 0.07 18.38 -9.60
CA GLU B 368 -1.19 18.99 -9.24
C GLU B 368 -0.98 20.48 -8.99
N ARG B 369 -2.02 21.27 -9.23
CA ARG B 369 -1.89 22.72 -9.18
C ARG B 369 -2.94 23.32 -8.26
N THR B 370 -2.50 24.15 -7.33
CA THR B 370 -3.41 24.97 -6.56
C THR B 370 -4.11 25.98 -7.46
N GLN B 371 -5.16 26.60 -6.93
CA GLN B 371 -5.84 27.64 -7.70
C GLN B 371 -4.86 28.71 -8.14
N ARG B 372 -3.98 29.14 -7.25
CA ARG B 372 -3.02 30.17 -7.61
C ARG B 372 -2.08 29.70 -8.70
N GLN B 373 -1.72 28.41 -8.71
CA GLN B 373 -0.85 27.88 -9.74
C GLN B 373 -1.58 27.78 -11.08
N TRP B 374 -2.87 27.41 -11.05
CA TRP B 374 -3.64 27.43 -12.29
C TRP B 374 -3.71 28.84 -12.87
N GLU B 375 -3.93 29.85 -12.01
CA GLU B 375 -4.03 31.22 -12.51
C GLU B 375 -2.71 31.71 -13.09
N GLU B 376 -1.60 31.31 -12.46
CA GLU B 376 -0.29 31.70 -12.99
C GLU B 376 -0.04 31.07 -14.36
N LEU B 377 -0.40 29.80 -14.52
CA LEU B 377 -0.26 29.13 -15.81
C LEU B 377 -1.12 29.79 -16.87
N ALA B 378 -2.40 30.01 -16.56
CA ALA B 378 -3.31 30.55 -17.55
C ALA B 378 -2.94 31.98 -17.94
N ALA B 379 -2.37 32.74 -17.01
CA ALA B 379 -1.93 34.11 -17.31
C ALA B 379 -0.86 34.12 -18.40
N LYS B 380 0.01 33.11 -18.42
CA LYS B 380 1.02 33.01 -19.48
C LYS B 380 0.39 32.80 -20.84
N ALA B 381 -0.83 32.29 -20.89
CA ALA B 381 -1.57 32.16 -22.14
C ALA B 381 -2.47 33.37 -22.39
N GLY B 382 -2.39 34.40 -21.56
CA GLY B 382 -3.23 35.57 -21.73
C GLY B 382 -4.66 35.40 -21.25
N LEU B 383 -4.87 34.55 -20.24
CA LEU B 383 -6.20 34.24 -19.73
C LEU B 383 -6.34 34.74 -18.29
N GLN B 384 -7.58 35.06 -17.90
CA GLN B 384 -7.86 35.48 -16.52
C GLN B 384 -9.03 34.66 -15.98
N LEU B 385 -8.93 34.27 -14.71
CA LEU B 385 -10.00 33.49 -14.09
C LEU B 385 -11.22 34.36 -13.81
N GLN B 386 -12.38 33.93 -14.30
CA GLN B 386 -13.65 34.62 -14.10
C GLN B 386 -14.48 34.01 -12.98
N ALA B 387 -14.39 32.70 -12.81
CA ALA B 387 -15.23 32.00 -11.86
C ALA B 387 -14.65 30.62 -11.63
N LEU B 388 -14.91 30.08 -10.44
CA LEU B 388 -14.46 28.73 -10.07
C LEU B 388 -15.63 28.04 -9.38
N TYR B 389 -16.01 26.86 -9.88
CA TYR B 389 -17.19 26.15 -9.40
C TYR B 389 -16.78 24.78 -8.90
N GLN B 390 -16.57 24.64 -7.59
CA GLN B 390 -16.25 23.35 -6.99
C GLN B 390 -17.43 22.41 -7.12
N TYR B 391 -17.14 21.12 -7.30
CA TYR B 391 -18.20 20.12 -7.33
C TYR B 391 -17.86 18.83 -6.58
N THR B 392 -16.66 18.71 -6.01
CA THR B 392 -16.37 17.63 -5.06
C THR B 392 -15.64 18.20 -3.85
N TRP B 393 -15.75 17.48 -2.73
CA TRP B 393 -15.19 17.80 -1.43
C TRP B 393 -15.00 16.50 -0.67
N PRO B 394 -14.00 16.42 0.23
CA PRO B 394 -13.03 17.45 0.58
C PRO B 394 -11.86 17.55 -0.42
N VAL B 395 -11.66 16.52 -1.23
CA VAL B 395 -10.70 16.61 -2.33
C VAL B 395 -11.39 17.37 -3.46
N VAL B 396 -10.89 18.56 -3.80
CA VAL B 396 -11.64 19.49 -4.62
C VAL B 396 -11.31 19.27 -6.10
N ASN B 397 -12.35 19.01 -6.87
CA ASN B 397 -12.36 19.19 -8.31
C ASN B 397 -13.29 20.36 -8.61
N ALA B 398 -12.88 21.19 -9.57
CA ALA B 398 -13.61 22.40 -9.87
C ALA B 398 -13.55 22.68 -11.36
N ALA B 399 -14.60 23.30 -11.88
CA ALA B 399 -14.59 23.87 -13.22
C ALA B 399 -14.16 25.33 -13.10
N MET B 400 -12.97 25.63 -13.61
CA MET B 400 -12.41 26.97 -13.60
C MET B 400 -12.67 27.61 -14.96
N VAL B 401 -13.31 28.78 -14.96
CA VAL B 401 -13.73 29.43 -16.20
C VAL B 401 -12.80 30.60 -16.45
N PHE B 402 -12.08 30.55 -17.56
CA PHE B 402 -11.12 31.58 -17.95
C PHE B 402 -11.60 32.32 -19.19
N SER B 403 -11.35 33.62 -19.23
CA SER B 403 -11.60 34.44 -20.41
C SER B 403 -10.30 35.10 -20.85
N LEU B 404 -10.33 35.66 -22.06
CA LEU B 404 -9.19 36.44 -22.53
C LEU B 404 -8.95 37.61 -21.59
N GLN B 405 -7.68 37.91 -21.34
CA GLN B 405 -7.34 39.04 -20.48
C GLN B 405 -7.73 40.36 -21.15
#